data_1ETM
# 
_entry.id   1ETM 
# 
_audit_conform.dict_name       mmcif_pdbx.dic 
_audit_conform.dict_version    5.351 
_audit_conform.dict_location   http://mmcif.pdb.org/dictionaries/ascii/mmcif_pdbx.dic 
# 
loop_
_database_2.database_id 
_database_2.database_code 
_database_2.pdbx_database_accession 
_database_2.pdbx_DOI 
PDB   1ETM         pdb_00001etm 10.2210/pdb1etm/pdb 
WWPDB D_1000173165 ?            ?                   
# 
_pdbx_database_status.status_code                     REL 
_pdbx_database_status.entry_id                        1ETM 
_pdbx_database_status.recvd_initial_deposition_date   1994-03-15 
_pdbx_database_status.deposit_site                    ? 
_pdbx_database_status.process_site                    BNL 
_pdbx_database_status.SG_entry                        . 
_pdbx_database_status.status_code_sf                  REL 
_pdbx_database_status.status_code_mr                  ? 
_pdbx_database_status.status_code_cs                  ? 
_pdbx_database_status.methods_development_category    ? 
_pdbx_database_status.pdb_format_compatible           Y 
_pdbx_database_status.status_code_nmr_data            ? 
# 
loop_
_audit_author.name 
_audit_author.pdbx_ordinal 
'Sato, T.'       1 
'Shimonishi, Y.' 2 
# 
loop_
_citation.id 
_citation.title 
_citation.journal_abbrev 
_citation.journal_volume 
_citation.page_first 
_citation.page_last 
_citation.year 
_citation.journal_id_ASTM 
_citation.country 
_citation.journal_id_ISSN 
_citation.journal_id_CSD 
_citation.book_publisher 
_citation.pdbx_database_id_PubMed 
_citation.pdbx_database_id_DOI 
primary 
;Structural characteristics for biological activity of heat-stable enterotoxin produced by enterotoxigenic Escherichia coli: X-ray crystallography of weakly toxic and nontoxic analogs.
;
Biochemistry       33  8641 8650 1994 BICHAW US 0006-2960 0033 ? 8038153 10.1021/bi00195a004 
1       
;Semi-Preparative Purification and Crystallization of Synthetic Analogs of Heat-Stable Enterotoxin of Enterotoxigenic Escherichia Coli
;
Bull.Chem.Soc.Jpn. 65  938  ?    1992 BCSJA8 JA 0009-2673 0007 ? ?       ?                   
2       'Molecular Structure of the Toxic Domain of Heat-Stable Enterotoxin Produced by a Pathogenic Strain of Escherichia Coli' 
J.Biol.Chem.       266 5934 ?    1991 JBCHA3 US 0021-9258 0071 ? ?       ?                   
3       
;Structure-Activity Relationship of Escherichia Coli Heat-Stable Enterotoxin: Role of Ala Residue at Position 14 in Toxin-Receptor Interaction
;
Bull.Chem.Soc.Jpn. 63  2063 ?    1990 BCSJA8 JA 0009-2673 0007 ? ?       ?                   
4       
'Essential Structure for Full Enterotoxigenic Activity of Heat-Stable Enterotoxin Produced by Enterotoxigenic Escherichia Coli' 
'FEBS Lett.'       181 138  ?    1985 FEBLAL NE 0014-5793 0165 ? ?       ?                   
# 
loop_
_citation_author.citation_id 
_citation_author.name 
_citation_author.ordinal 
_citation_author.identifier_ORCID 
primary 'Sato, T.'       1  ? 
primary 'Ozaki, H.'      2  ? 
primary 'Hata, Y.'       3  ? 
primary 'Kitagawa, Y.'   4  ? 
primary 'Katsube, Y.'    5  ? 
primary 'Shimonishi, Y.' 6  ? 
1       'Sato, T.'       7  ? 
1       'Ito, H.'        8  ? 
1       'Takeda, Y.'     9  ? 
1       'Shimonishi, Y.' 10 ? 
2       'Ozaki, H.'      11 ? 
2       'Sato, T.'       12 ? 
2       'Kubota, H.'     13 ? 
2       'Hata, Y.'       14 ? 
2       'Katsube, Y.'    15 ? 
2       'Shimonishi, Y.' 16 ? 
3       'Yamasaki, S.'   17 ? 
3       'Sato, T.'       18 ? 
3       'Hidaka, Y.'     19 ? 
3       'Ozaki, H.'      20 ? 
3       'Ito, H.'        21 ? 
3       'Hirayama, T.'   22 ? 
3       'Takeda, Y.'     23 ? 
3       'Sugimura, T.'   24 ? 
3       'Tai, A.'        25 ? 
3       'Shimonishi, Y.' 26 ? 
4       'Yoshimura, S.'  27 ? 
4       'Ikemura, H.'    28 ? 
4       'Watanabe, H.'   29 ? 
4       'Aimoto, S.'     30 ? 
4       'Shimonishi, Y.' 31 ? 
4       'Hara, S.'       32 ? 
4       'Takeda, T.'     33 ? 
4       'Miwatani, T.'   34 ? 
4       'Takeda, Y.'     35 ? 
# 
_cell.entry_id           1ETM 
_cell.length_a           17.862 
_cell.length_b           33.032 
_cell.length_c           12.451 
_cell.angle_alpha        90.00 
_cell.angle_beta         90.00 
_cell.angle_gamma        90.00 
_cell.Z_PDB              4 
_cell.pdbx_unique_axis   ? 
_cell.length_a_esd       ? 
_cell.length_b_esd       ? 
_cell.length_c_esd       ? 
_cell.angle_alpha_esd    ? 
_cell.angle_beta_esd     ? 
_cell.angle_gamma_esd    ? 
# 
_symmetry.entry_id                         1ETM 
_symmetry.space_group_name_H-M             'P 21 21 21' 
_symmetry.pdbx_full_space_group_name_H-M   ? 
_symmetry.cell_setting                     ? 
_symmetry.Int_Tables_number                19 
_symmetry.space_group_name_Hall            ? 
# 
loop_
_entity.id 
_entity.type 
_entity.src_method 
_entity.pdbx_description 
_entity.formula_weight 
_entity.pdbx_number_of_molecules 
_entity.pdbx_ec 
_entity.pdbx_mutation 
_entity.pdbx_fragment 
_entity.details 
1 polymer man '5-BETA-MERCAPTOPROPIONATE HEAT-STABLE ENTEROTOXIN' 1300.635 1  ? A13L ? ? 
2 water   nat water                                               18.015   10 ? ?    ? ? 
# 
_entity_name_com.entity_id   1 
_entity_name_com.name        '(MPR==5==,LEU==13==)STP(5-17)' 
# 
_entity_poly.entity_id                      1 
_entity_poly.type                           'polypeptide(L)' 
_entity_poly.nstd_linkage                   no 
_entity_poly.nstd_monomer                   yes 
_entity_poly.pdbx_seq_one_letter_code       '(MPR)CELCCNPLCAGC' 
_entity_poly.pdbx_seq_one_letter_code_can   XCELCCNPLCAGC 
_entity_poly.pdbx_strand_id                 A 
_entity_poly.pdbx_target_identifier         ? 
# 
loop_
_entity_poly_seq.entity_id 
_entity_poly_seq.num 
_entity_poly_seq.mon_id 
_entity_poly_seq.hetero 
1 1  MPR n 
1 2  CYS n 
1 3  GLU n 
1 4  LEU n 
1 5  CYS n 
1 6  CYS n 
1 7  ASN n 
1 8  PRO n 
1 9  LEU n 
1 10 CYS n 
1 11 ALA n 
1 12 GLY n 
1 13 CYS n 
# 
_entity_src_gen.entity_id                          1 
_entity_src_gen.pdbx_src_id                        1 
_entity_src_gen.pdbx_alt_source_flag               sample 
_entity_src_gen.pdbx_seq_type                      ? 
_entity_src_gen.pdbx_beg_seq_num                   ? 
_entity_src_gen.pdbx_end_seq_num                   ? 
_entity_src_gen.gene_src_common_name               ? 
_entity_src_gen.gene_src_genus                     Escherichia 
_entity_src_gen.pdbx_gene_src_gene                 ? 
_entity_src_gen.gene_src_species                   ? 
_entity_src_gen.gene_src_strain                    18D 
_entity_src_gen.gene_src_tissue                    ? 
_entity_src_gen.gene_src_tissue_fraction           ? 
_entity_src_gen.gene_src_details                   ? 
_entity_src_gen.pdbx_gene_src_fragment             ? 
_entity_src_gen.pdbx_gene_src_scientific_name      'Escherichia coli' 
_entity_src_gen.pdbx_gene_src_ncbi_taxonomy_id     562 
_entity_src_gen.pdbx_gene_src_variant              ? 
_entity_src_gen.pdbx_gene_src_cell_line            ? 
_entity_src_gen.pdbx_gene_src_atcc                 ? 
_entity_src_gen.pdbx_gene_src_organ                ? 
_entity_src_gen.pdbx_gene_src_organelle            ? 
_entity_src_gen.pdbx_gene_src_cell                 ? 
_entity_src_gen.pdbx_gene_src_cellular_location    ? 
_entity_src_gen.host_org_common_name               ? 
_entity_src_gen.pdbx_host_org_scientific_name      ? 
_entity_src_gen.pdbx_host_org_ncbi_taxonomy_id     ? 
_entity_src_gen.host_org_genus                     ? 
_entity_src_gen.pdbx_host_org_gene                 ? 
_entity_src_gen.pdbx_host_org_organ                ? 
_entity_src_gen.host_org_species                   ? 
_entity_src_gen.pdbx_host_org_tissue               ? 
_entity_src_gen.pdbx_host_org_tissue_fraction      ? 
_entity_src_gen.pdbx_host_org_strain               ? 
_entity_src_gen.pdbx_host_org_variant              ? 
_entity_src_gen.pdbx_host_org_cell_line            ? 
_entity_src_gen.pdbx_host_org_atcc                 ? 
_entity_src_gen.pdbx_host_org_culture_collection   ? 
_entity_src_gen.pdbx_host_org_cell                 ? 
_entity_src_gen.pdbx_host_org_organelle            ? 
_entity_src_gen.pdbx_host_org_cellular_location    ? 
_entity_src_gen.pdbx_host_org_vector_type          ? 
_entity_src_gen.pdbx_host_org_vector               ? 
_entity_src_gen.host_org_details                   ? 
_entity_src_gen.expression_system_id               ? 
_entity_src_gen.plasmid_name                       ? 
_entity_src_gen.plasmid_details                    ? 
_entity_src_gen.pdbx_description                   ? 
# 
_struct_ref.id                         1 
_struct_ref.db_name                    UNP 
_struct_ref.db_code                    HST1_ECOLI 
_struct_ref.entity_id                  1 
_struct_ref.pdbx_db_accession          P01559 
_struct_ref.pdbx_align_begin           1 
_struct_ref.pdbx_seq_one_letter_code   MKKLMLAIFISVLSFPSFSQSTESLDSSKEKITLETKKCDVVKNNSEKKSENMNNTFYCCELCCNPACAGCY 
_struct_ref.pdbx_db_isoform            ? 
# 
_struct_ref_seq.align_id                      1 
_struct_ref_seq.ref_id                        1 
_struct_ref_seq.pdbx_PDB_id_code              1ETM 
_struct_ref_seq.pdbx_strand_id                A 
_struct_ref_seq.seq_align_beg                 2 
_struct_ref_seq.pdbx_seq_align_beg_ins_code   ? 
_struct_ref_seq.seq_align_end                 13 
_struct_ref_seq.pdbx_seq_align_end_ins_code   ? 
_struct_ref_seq.pdbx_db_accession             P01559 
_struct_ref_seq.db_align_beg                  60 
_struct_ref_seq.pdbx_db_align_beg_ins_code    ? 
_struct_ref_seq.db_align_end                  71 
_struct_ref_seq.pdbx_db_align_end_ins_code    ? 
_struct_ref_seq.pdbx_auth_seq_align_beg       6 
_struct_ref_seq.pdbx_auth_seq_align_end       17 
# 
_struct_ref_seq_dif.align_id                     1 
_struct_ref_seq_dif.pdbx_pdb_id_code             1ETM 
_struct_ref_seq_dif.mon_id                       LEU 
_struct_ref_seq_dif.pdbx_pdb_strand_id           A 
_struct_ref_seq_dif.seq_num                      9 
_struct_ref_seq_dif.pdbx_pdb_ins_code            ? 
_struct_ref_seq_dif.pdbx_seq_db_name             UNP 
_struct_ref_seq_dif.pdbx_seq_db_accession_code   P01559 
_struct_ref_seq_dif.db_mon_id                    ALA 
_struct_ref_seq_dif.pdbx_seq_db_seq_num          67 
_struct_ref_seq_dif.details                      'engineered mutation' 
_struct_ref_seq_dif.pdbx_auth_seq_num            13 
_struct_ref_seq_dif.pdbx_ordinal                 1 
# 
loop_
_chem_comp.id 
_chem_comp.type 
_chem_comp.mon_nstd_flag 
_chem_comp.name 
_chem_comp.pdbx_synonyms 
_chem_comp.formula 
_chem_comp.formula_weight 
ALA 'L-peptide linking' y ALANINE                       ? 'C3 H7 N O2'   89.093  
ASN 'L-peptide linking' y ASPARAGINE                    ? 'C4 H8 N2 O3'  132.118 
CYS 'L-peptide linking' y CYSTEINE                      ? 'C3 H7 N O2 S' 121.158 
GLU 'L-peptide linking' y 'GLUTAMIC ACID'               ? 'C5 H9 N O4'   147.129 
GLY 'peptide linking'   y GLYCINE                       ? 'C2 H5 N O2'   75.067  
HOH non-polymer         . WATER                         ? 'H2 O'         18.015  
LEU 'L-peptide linking' y LEUCINE                       ? 'C6 H13 N O2'  131.173 
MPR non-polymer         . '2-MERCAPTO-PROPION ALDEHYDE' ? 'C3 H6 O S'    90.144  
PRO 'L-peptide linking' y PROLINE                       ? 'C5 H9 N O2'   115.130 
# 
_exptl.entry_id          1ETM 
_exptl.method            'X-RAY DIFFRACTION' 
_exptl.crystals_number   ? 
# 
_exptl_crystal.id                    1 
_exptl_crystal.density_meas          ? 
_exptl_crystal.density_Matthews      1.41 
_exptl_crystal.density_percent_sol   ? 
_exptl_crystal.description           ? 
_exptl_crystal.F_000                 ? 
_exptl_crystal.preparation           ? 
# 
_diffrn.id                     1 
_diffrn.ambient_temp           ? 
_diffrn.ambient_temp_details   ? 
_diffrn.crystal_id             1 
# 
_diffrn_radiation.diffrn_id                        1 
_diffrn_radiation.wavelength_id                    1 
_diffrn_radiation.pdbx_monochromatic_or_laue_m_l   ? 
_diffrn_radiation.monochromator                    ? 
_diffrn_radiation.pdbx_diffrn_protocol             ? 
_diffrn_radiation.pdbx_scattering_type             x-ray 
# 
_diffrn_radiation_wavelength.id           1 
_diffrn_radiation_wavelength.wavelength   . 
_diffrn_radiation_wavelength.wt           1.0 
# 
_refine.entry_id                                 1ETM 
_refine.ls_number_reflns_obs                     6046 
_refine.ls_number_reflns_all                     ? 
_refine.pdbx_ls_sigma_I                          ? 
_refine.pdbx_ls_sigma_F                          3.0 
_refine.pdbx_data_cutoff_high_absF               ? 
_refine.pdbx_data_cutoff_low_absF                ? 
_refine.pdbx_data_cutoff_high_rms_absF           ? 
_refine.ls_d_res_low                             16.5 
_refine.ls_d_res_high                            0.89 
_refine.ls_percent_reflns_obs                    84.7 
_refine.ls_R_factor_obs                          ? 
_refine.ls_R_factor_all                          ? 
_refine.ls_R_factor_R_work                       0.065 
_refine.ls_R_factor_R_free                       ? 
_refine.ls_R_factor_R_free_error                 ? 
_refine.ls_R_factor_R_free_error_details         ? 
_refine.ls_percent_reflns_R_free                 ? 
_refine.ls_number_reflns_R_free                  ? 
_refine.ls_number_parameters                     ? 
_refine.ls_number_restraints                     ? 
_refine.occupancy_min                            ? 
_refine.occupancy_max                            ? 
_refine.B_iso_mean                               ? 
_refine.aniso_B[1][1]                            ? 
_refine.aniso_B[2][2]                            ? 
_refine.aniso_B[3][3]                            ? 
_refine.aniso_B[1][2]                            ? 
_refine.aniso_B[1][3]                            ? 
_refine.aniso_B[2][3]                            ? 
_refine.solvent_model_details                    ? 
_refine.solvent_model_param_ksol                 ? 
_refine.solvent_model_param_bsol                 ? 
_refine.pdbx_ls_cross_valid_method               ? 
_refine.details                                  ? 
_refine.pdbx_starting_model                      ? 
_refine.pdbx_method_to_determine_struct          ? 
_refine.pdbx_isotropic_thermal_model             ? 
_refine.pdbx_stereochemistry_target_values       ? 
_refine.pdbx_stereochem_target_val_spec_case     ? 
_refine.pdbx_R_Free_selection_details            ? 
_refine.pdbx_overall_ESU_R                       ? 
_refine.pdbx_overall_ESU_R_Free                  ? 
_refine.overall_SU_ML                            ? 
_refine.overall_SU_B                             ? 
_refine.pdbx_refine_id                           'X-RAY DIFFRACTION' 
_refine.ls_redundancy_reflns_obs                 ? 
_refine.pdbx_overall_phase_error                 ? 
_refine.B_iso_min                                ? 
_refine.B_iso_max                                ? 
_refine.correlation_coeff_Fo_to_Fc               ? 
_refine.correlation_coeff_Fo_to_Fc_free          ? 
_refine.pdbx_solvent_vdw_probe_radii             ? 
_refine.pdbx_solvent_ion_probe_radii             ? 
_refine.pdbx_solvent_shrinkage_radii             ? 
_refine.overall_SU_R_Cruickshank_DPI             ? 
_refine.overall_SU_R_free                        ? 
_refine.ls_wR_factor_R_free                      ? 
_refine.ls_wR_factor_R_work                      ? 
_refine.overall_FOM_free_R_set                   ? 
_refine.overall_FOM_work_R_set                   ? 
_refine.pdbx_diffrn_id                           1 
_refine.pdbx_TLS_residual_ADP_flag               ? 
_refine.pdbx_overall_SU_R_free_Cruickshank_DPI   ? 
_refine.pdbx_overall_SU_R_Blow_DPI               ? 
_refine.pdbx_overall_SU_R_free_Blow_DPI          ? 
# 
_refine_hist.pdbx_refine_id                   'X-RAY DIFFRACTION' 
_refine_hist.cycle_id                         LAST 
_refine_hist.pdbx_number_atoms_protein        85 
_refine_hist.pdbx_number_atoms_nucleic_acid   0 
_refine_hist.pdbx_number_atoms_ligand         0 
_refine_hist.number_atoms_solvent             10 
_refine_hist.number_atoms_total               95 
_refine_hist.d_res_high                       0.89 
_refine_hist.d_res_low                        16.5 
# 
_struct.entry_id                  1ETM 
_struct.title                     
;STRUCTURAL CHARACTERISTICS FOR BIOLOGICAL ACTIVITY OF HEAT-STABLE ENTEROTOXIN PRODUCED BY ENTEROTOXIGENIC ESCHERICHIA COLI: X-RAY CRYSTALLOGRAPHY OF WEAKLY TOXIC AND NONTOXIC ANALOGS
;
_struct.pdbx_model_details        ? 
_struct.pdbx_CASP_flag            ? 
_struct.pdbx_model_type_details   ? 
# 
_struct_keywords.entry_id        1ETM 
_struct_keywords.pdbx_keywords   ENTEROTOXIN 
_struct_keywords.text            ENTEROTOXIN 
# 
loop_
_struct_asym.id 
_struct_asym.pdbx_blank_PDB_chainid_flag 
_struct_asym.pdbx_modified 
_struct_asym.entity_id 
_struct_asym.details 
A N N 1 ? 
B N N 2 ? 
# 
_struct_biol.id        1 
_struct_biol.details   ? 
# 
_struct_conf.conf_type_id            HELX_P 
_struct_conf.id                      HELX_P1 
_struct_conf.pdbx_PDB_helix_id       H1 
_struct_conf.beg_label_comp_id       MPR 
_struct_conf.beg_label_asym_id       A 
_struct_conf.beg_label_seq_id        1 
_struct_conf.pdbx_beg_PDB_ins_code   ? 
_struct_conf.end_label_comp_id       CYS 
_struct_conf.end_label_asym_id       A 
_struct_conf.end_label_seq_id        5 
_struct_conf.pdbx_end_PDB_ins_code   ? 
_struct_conf.beg_auth_comp_id        MPR 
_struct_conf.beg_auth_asym_id        A 
_struct_conf.beg_auth_seq_id         5 
_struct_conf.end_auth_comp_id        CYS 
_struct_conf.end_auth_asym_id        A 
_struct_conf.end_auth_seq_id         9 
_struct_conf.pdbx_PDB_helix_class    5 
_struct_conf.details                 'N-TERMINAL SEGMENT' 
_struct_conf.pdbx_PDB_helix_length   5 
# 
_struct_conf_type.id          HELX_P 
_struct_conf_type.criteria    ? 
_struct_conf_type.reference   ? 
# 
loop_
_struct_conn.id 
_struct_conn.conn_type_id 
_struct_conn.pdbx_leaving_atom_flag 
_struct_conn.pdbx_PDB_id 
_struct_conn.ptnr1_label_asym_id 
_struct_conn.ptnr1_label_comp_id 
_struct_conn.ptnr1_label_seq_id 
_struct_conn.ptnr1_label_atom_id 
_struct_conn.pdbx_ptnr1_label_alt_id 
_struct_conn.pdbx_ptnr1_PDB_ins_code 
_struct_conn.pdbx_ptnr1_standard_comp_id 
_struct_conn.ptnr1_symmetry 
_struct_conn.ptnr2_label_asym_id 
_struct_conn.ptnr2_label_comp_id 
_struct_conn.ptnr2_label_seq_id 
_struct_conn.ptnr2_label_atom_id 
_struct_conn.pdbx_ptnr2_label_alt_id 
_struct_conn.pdbx_ptnr2_PDB_ins_code 
_struct_conn.ptnr1_auth_asym_id 
_struct_conn.ptnr1_auth_comp_id 
_struct_conn.ptnr1_auth_seq_id 
_struct_conn.ptnr2_auth_asym_id 
_struct_conn.ptnr2_auth_comp_id 
_struct_conn.ptnr2_auth_seq_id 
_struct_conn.ptnr2_symmetry 
_struct_conn.pdbx_ptnr3_label_atom_id 
_struct_conn.pdbx_ptnr3_label_seq_id 
_struct_conn.pdbx_ptnr3_label_comp_id 
_struct_conn.pdbx_ptnr3_label_asym_id 
_struct_conn.pdbx_ptnr3_label_alt_id 
_struct_conn.pdbx_ptnr3_PDB_ins_code 
_struct_conn.details 
_struct_conn.pdbx_dist_value 
_struct_conn.pdbx_value_order 
_struct_conn.pdbx_role 
disulf1 disulf ?    ? A CYS 2 SG ? ? ? 1_555 A CYS 10 SG ? ? A CYS 6 A CYS 14 1_555 ? ? ? ? ? ? ? 2.025 ? ? 
disulf2 disulf ?    ? A CYS 5 SG ? ? ? 1_555 A CYS 13 SG ? ? A CYS 9 A CYS 17 1_555 ? ? ? ? ? ? ? 2.028 ? ? 
covale1 covale one  ? A MPR 1 C1 ? ? ? 1_555 A CYS 2  N  ? ? A MPR 5 A CYS 6  1_555 ? ? ? ? ? ? ? 1.355 ? ? 
covale2 covale none ? A MPR 1 S3 ? ? ? 1_555 A CYS 6  SG ? ? A MPR 5 A CYS 10 1_555 ? ? ? ? ? ? ? 2.020 ? ? 
# 
loop_
_struct_conn_type.id 
_struct_conn_type.criteria 
_struct_conn_type.reference 
disulf ? ? 
covale ? ? 
# 
loop_
_struct_site.id 
_struct_site.pdbx_evidence_code 
_struct_site.pdbx_auth_asym_id 
_struct_site.pdbx_auth_comp_id 
_struct_site.pdbx_auth_seq_id 
_struct_site.pdbx_auth_ins_code 
_struct_site.pdbx_num_residues 
_struct_site.details 
S1 Author ? ? ? ? 3 'THE RECEPTOR BINDING SITE DEDUCED FROM CHEMICAL MUTATION STUDY'                                 
S2 Author ? ? ? ? 6 'PUTATIVE CATION BINDING SITE SUGGESTED FROM CONFORMATIONAL SIMILARITIES TO IONOPHORE PEPTIDES.' 
# 
loop_
_struct_site_gen.id 
_struct_site_gen.site_id 
_struct_site_gen.pdbx_num_res 
_struct_site_gen.label_comp_id 
_struct_site_gen.label_asym_id 
_struct_site_gen.label_seq_id 
_struct_site_gen.pdbx_auth_ins_code 
_struct_site_gen.auth_comp_id 
_struct_site_gen.auth_asym_id 
_struct_site_gen.auth_seq_id 
_struct_site_gen.label_atom_id 
_struct_site_gen.label_alt_id 
_struct_site_gen.symmetry 
_struct_site_gen.details 
1 S1 3 ASN A 7  ? ASN A 11 . ? 1_555 ? 
2 S1 3 PRO A 8  ? PRO A 12 . ? 1_555 ? 
3 S1 3 LEU A 9  ? LEU A 13 . ? 1_555 ? 
4 S2 6 PRO A 8  ? PRO A 12 . ? 1_555 ? 
5 S2 6 LEU A 9  ? LEU A 13 . ? 1_555 ? 
6 S2 6 CYS A 10 ? CYS A 14 . ? 1_555 ? 
7 S2 6 ALA A 11 ? ALA A 15 . ? 1_555 ? 
8 S2 6 GLY A 12 ? GLY A 16 . ? 1_555 ? 
9 S2 6 CYS A 13 ? CYS A 17 . ? 1_555 ? 
# 
_atom_sites.entry_id                    1ETM 
_atom_sites.fract_transf_matrix[1][1]   0.04221629 
_atom_sites.fract_transf_matrix[1][2]   0.02308048 
_atom_sites.fract_transf_matrix[1][3]   -0.02862509 
_atom_sites.fract_transf_matrix[2][1]   -0.01554140 
_atom_sites.fract_transf_matrix[2][2]   -0.00350108 
_atom_sites.fract_transf_matrix[2][3]   -0.02574339 
_atom_sites.fract_transf_matrix[3][1]   -0.03290468 
_atom_sites.fract_transf_matrix[3][2]   0.07258033 
_atom_sites.fract_transf_matrix[3][3]   0.00999386 
_atom_sites.fract_transf_vector[1]      0.008878 
_atom_sites.fract_transf_vector[2]      0.111923 
_atom_sites.fract_transf_vector[3]      0.665557 
# 
loop_
_atom_type.symbol 
C 
H 
N 
O 
S 
# 
loop_
_atom_site.group_PDB 
_atom_site.id 
_atom_site.type_symbol 
_atom_site.label_atom_id 
_atom_site.label_alt_id 
_atom_site.label_comp_id 
_atom_site.label_asym_id 
_atom_site.label_entity_id 
_atom_site.label_seq_id 
_atom_site.pdbx_PDB_ins_code 
_atom_site.Cartn_x 
_atom_site.Cartn_y 
_atom_site.Cartn_z 
_atom_site.occupancy 
_atom_site.B_iso_or_equiv 
_atom_site.Cartn_x_esd 
_atom_site.Cartn_y_esd 
_atom_site.Cartn_z_esd 
_atom_site.occupancy_esd 
_atom_site.B_iso_or_equiv_esd 
_atom_site.pdbx_formal_charge 
_atom_site.auth_seq_id 
_atom_site.auth_comp_id 
_atom_site.auth_asym_id 
_atom_site.auth_atom_id 
_atom_site.pdbx_PDB_model_num 
HETATM 1   C C1   . MPR A 1 1  ? -3.835  3.158  2.522  1.00 0.04 0.009 0.009 0.010 0.00 0.00 ? 5  MPR A C1   1 
HETATM 2   O O    . MPR A 1 1  ? -4.223  2.053  2.168  1.00 0.05 0.006 0.006 0.007 0.00 0.00 ? 5  MPR A O    1 
HETATM 3   C C2   . MPR A 1 1  ? -4.750  4.354  2.747  1.00 0.05 0.011 0.011 0.010 0.00 0.00 ? 5  MPR A C2   1 
HETATM 4   C C3   . MPR A 1 1  ? -6.027  4.320  1.921  1.00 0.05 0.010 0.010 0.012 0.00 0.00 ? 5  MPR A C3   1 
HETATM 5   S S3   . MPR A 1 1  ? -5.915  5.064  0.282  1.00 0.06 0.003 0.003 0.003 0.00 0.00 ? 5  MPR A S3   1 
HETATM 6   H H21  . MPR A 1 1  ? -4.216  5.253  2.488  1.00 0.05 0.131 0.119 0.130 0.00 0.04 ? 5  MPR A H21  1 
HETATM 7   H H22  . MPR A 1 1  ? -5.014  4.394  3.797  1.00 0.05 0.130 0.117 0.131 0.00 0.04 ? 5  MPR A H22  1 
HETATM 8   H H31  . MPR A 1 1  ? -6.325  3.273  1.814  1.00 0.05 0.126 0.118 0.137 0.00 0.04 ? 5  MPR A H31  1 
HETATM 9   H H32  . MPR A 1 1  ? -6.812  4.823  2.487  1.00 0.05 0.127 0.115 0.132 0.00 0.04 ? 5  MPR A H32  1 
ATOM   10  N N    . CYS A 1 2  ? -2.547  3.382  2.876  1.00 0.05 0.008 0.008 0.009 0.00 0.00 ? 6  CYS A N    1 
ATOM   11  C CA   . CYS A 1 2  ? -1.564  2.303  2.796  1.00 0.04 0.009 0.009 0.010 0.00 0.00 ? 6  CYS A CA   1 
ATOM   12  C C    . CYS A 1 2  ? -1.906  1.078  3.671  1.00 0.04 0.009 0.009 0.010 0.00 0.00 ? 6  CYS A C    1 
ATOM   13  O O    . CYS A 1 2  ? -1.529  -0.032 3.309  1.00 0.04 0.006 0.006 0.006 0.00 0.00 ? 6  CYS A O    1 
ATOM   14  C CB   . CYS A 1 2  ? -0.153  2.793  3.179  1.00 0.05 0.010 0.010 0.012 0.00 0.00 ? 6  CYS A CB   1 
ATOM   15  S SG   . CYS A 1 2  ? 0.593   3.915  1.953  1.00 0.06 0.003 0.003 0.003 0.00 0.00 ? 6  CYS A SG   1 
ATOM   16  H H    . CYS A 1 2  ? -2.259  4.297  3.188  1.00 0.05 0.127 0.116 0.127 0.00 0.03 ? 6  CYS A H    1 
ATOM   17  H HA   . CYS A 1 2  ? -1.602  2.023  1.749  1.00 0.04 0.118 0.116 0.120 0.00 0.03 ? 6  CYS A HA   1 
ATOM   18  H HB2  . CYS A 1 2  ? -0.197  3.288  4.144  1.00 0.05 0.120 0.121 0.137 0.00 0.04 ? 6  CYS A HB2  1 
ATOM   19  H HB3  . CYS A 1 2  ? 0.493   1.914  3.291  1.00 0.05 0.130 0.120 0.140 0.00 0.04 ? 6  CYS A HB3  1 
ATOM   20  N N    . GLU A 1 3  ? -2.591  1.311  4.776  1.00 0.04 0.007 0.007 0.008 0.00 0.00 ? 7  GLU A N    1 
ATOM   21  C CA   . GLU A 1 3  ? -3.027  0.196  5.654  1.00 0.04 0.010 0.009 0.010 0.00 0.00 ? 7  GLU A CA   1 
ATOM   22  C C    . GLU A 1 3  ? -4.023  -0.726 4.965  1.00 0.04 0.009 0.009 0.010 0.00 0.00 ? 7  GLU A C    1 
ATOM   23  O O    . GLU A 1 3  ? -4.297  -1.800 5.516  1.00 0.08 0.009 0.007 0.009 0.00 0.00 ? 7  GLU A O    1 
ATOM   24  C CB   . GLU A 1 3  ? -3.582  0.723  6.981  1.00 0.05 0.011 0.009 0.012 0.00 0.00 ? 7  GLU A CB   1 
ATOM   25  C CG   . GLU A 1 3  ? -5.004  1.288  7.033  1.00 0.05 0.010 0.010 0.011 0.00 0.00 ? 7  GLU A CG   1 
ATOM   26  C CD   . GLU A 1 3  ? -5.241  2.582  6.313  1.00 0.06 0.011 0.010 0.011 0.00 0.00 ? 7  GLU A CD   1 
ATOM   27  O OE1  . GLU A 1 3  ? -4.368  3.176  5.694  1.00 0.07 0.008 0.009 0.008 0.00 0.00 ? 7  GLU A OE1  1 
ATOM   28  O OE2  . GLU A 1 3  ? -6.452  3.089  6.369  1.00 0.06 0.008 0.007 0.008 0.00 0.00 ? 7  GLU A OE2  1 
ATOM   29  H H    . GLU A 1 3  ? -2.819  2.262  5.027  1.00 0.04 0.116 0.111 0.130 0.00 0.03 ? 7  GLU A H    1 
ATOM   30  H HA   . GLU A 1 3  ? -2.145  -0.396 5.863  1.00 0.04 0.123 0.119 0.129 0.00 0.03 ? 7  GLU A HA   1 
ATOM   31  H HB2  . GLU A 1 3  ? -3.508  -0.089 7.687  1.00 0.05 0.127 0.119 0.127 0.00 0.04 ? 7  GLU A HB2  1 
ATOM   32  H HB3  . GLU A 1 3  ? -2.910  1.514  7.299  1.00 0.05 0.126 0.119 0.124 0.00 0.04 ? 7  GLU A HB3  1 
ATOM   33  H HG2  . GLU A 1 3  ? -5.682  0.541  6.624  1.00 0.05 0.121 0.122 0.130 0.00 0.04 ? 7  GLU A HG2  1 
ATOM   34  H HG3  . GLU A 1 3  ? -5.271  1.429  8.083  1.00 0.05 0.121 0.117 0.124 0.00 0.03 ? 7  GLU A HG3  1 
ATOM   35  H HE2  . GLU A 1 3  ? -6.214  3.770  5.643  1.00 0.06 0.145 0.129 0.142 0.00 0.04 ? 7  GLU A HE2  1 
ATOM   36  N N    . LEU A 1 4  ? -4.571  -0.323 3.852  1.00 0.04 0.008 0.007 0.008 0.00 0.00 ? 8  LEU A N    1 
ATOM   37  C CA   . LEU A 1 4  ? -5.489  -1.053 3.013  1.00 0.04 0.009 0.008 0.011 0.00 0.00 ? 8  LEU A CA   1 
ATOM   38  C C    . LEU A 1 4  ? -4.836  -1.464 1.719  1.00 0.05 0.009 0.009 0.010 0.00 0.00 ? 8  LEU A C    1 
ATOM   39  O O    . LEU A 1 4  ? -5.483  -1.977 0.796  1.00 0.05 0.006 0.006 0.008 0.00 0.00 ? 8  LEU A O    1 
ATOM   40  C CB   . LEU A 1 4  ? -6.731  -0.238 2.730  1.00 0.06 0.011 0.009 0.013 0.00 0.00 ? 8  LEU A CB   1 
ATOM   41  C CG   . LEU A 1 4  ? -7.441  0.297  3.964  1.00 0.07 0.013 0.011 0.014 0.00 0.00 ? 8  LEU A CG   1 
ATOM   42  C CD1  . LEU A 1 4  ? -8.422  1.410  3.600  1.00 0.09 0.016 0.019 0.016 0.00 0.00 ? 8  LEU A CD1  1 
ATOM   43  C CD2  . LEU A 1 4  ? -8.078  -0.763 4.805  1.00 0.12 0.018 0.029 0.024 0.00 0.00 ? 8  LEU A CD2  1 
ATOM   44  H H    . LEU A 1 4  ? -4.337  0.621  3.544  1.00 0.04 0.120 0.108 0.125 0.00 0.03 ? 8  LEU A H    1 
ATOM   45  H HA   . LEU A 1 4  ? -5.775  -1.958 3.556  1.00 0.05 0.127 0.118 0.121 0.00 0.03 ? 8  LEU A HA   1 
ATOM   46  H HB2  . LEU A 1 4  ? -6.453  0.594  2.079  1.00 0.06 0.138 0.118 0.132 0.00 0.04 ? 8  LEU A HB2  1 
ATOM   47  H HB3  . LEU A 1 4  ? -7.440  -0.854 2.168  1.00 0.06 0.128 0.126 0.127 0.00 0.04 ? 8  LEU A HB3  1 
ATOM   48  H HG   . LEU A 1 4  ? -6.661  0.719  4.606  1.00 0.07 0.140 0.137 0.142 0.00 0.04 ? 8  LEU A HG   1 
ATOM   49  H HD11 . LEU A 1 4  ? -8.017  2.275  3.050  1.00 0.09 0.186 0.154 0.167 0.00 0.05 ? 8  LEU A HD11 1 
ATOM   50  H HD12 . LEU A 1 4  ? -9.169  1.017  2.905  1.00 0.09 0.167 0.163 0.166 0.00 0.05 ? 8  LEU A HD12 1 
ATOM   51  H HD13 . LEU A 1 4  ? -8.915  1.770  4.498  1.00 0.09 0.176 0.153 0.172 0.00 0.06 ? 8  LEU A HD13 1 
ATOM   52  H HD21 . LEU A 1 4  ? -8.538  -1.222 4.231  1.00 0.11 0.222 0.200 0.235 0.00 0.09 ? 8  LEU A HD21 1 
ATOM   53  H HD22 . LEU A 1 4  ? -7.364  -1.380 5.296  1.00 0.11 0.207 0.194 0.210 0.00 0.08 ? 8  LEU A HD22 1 
ATOM   54  H HD23 . LEU A 1 4  ? -8.757  -0.333 5.531  1.00 0.11 0.192 0.183 0.191 0.00 0.07 ? 8  LEU A HD23 1 
ATOM   55  N N    . CYS A 1 5  ? -3.529  -1.159 1.539  1.00 0.04 0.008 0.007 0.008 0.00 0.00 ? 9  CYS A N    1 
ATOM   56  C CA   . CYS A 1 5  ? -2.845  -1.251 0.271  1.00 0.04 0.010 0.008 0.009 0.00 0.00 ? 9  CYS A CA   1 
ATOM   57  C C    . CYS A 1 5  ? -3.639  -0.619 -0.853 1.00 0.04 0.009 0.009 0.009 0.00 0.00 ? 9  CYS A C    1 
ATOM   58  O O    . CYS A 1 5  ? -3.719  -1.120 -1.972 1.00 0.05 0.008 0.006 0.007 0.00 0.00 ? 9  CYS A O    1 
ATOM   59  C CB   . CYS A 1 5  ? -2.388  -2.643 -0.093 1.00 0.05 0.010 0.009 0.010 0.00 0.00 ? 9  CYS A CB   1 
ATOM   60  S SG   . CYS A 1 5  ? -0.986  -3.241 0.896  1.00 0.05 0.003 0.002 0.002 0.00 0.00 ? 9  CYS A SG   1 
ATOM   61  H H    . CYS A 1 5  ? -2.847  -0.772 2.149  1.00 0.04 0.115 0.114 0.116 0.00 0.03 ? 9  CYS A H    1 
ATOM   62  H HA   . CYS A 1 5  ? -1.941  -0.683 0.425  1.00 0.04 0.114 0.107 0.118 0.00 0.03 ? 9  CYS A HA   1 
ATOM   63  H HB2  . CYS A 1 5  ? -3.233  -3.334 0.052  1.00 0.05 0.125 0.110 0.126 0.00 0.03 ? 9  CYS A HB2  1 
ATOM   64  H HB3  . CYS A 1 5  ? -2.130  -2.668 -1.142 1.00 0.05 0.117 0.117 0.128 0.00 0.03 ? 9  CYS A HB3  1 
ATOM   65  N N    . CYS A 1 6  ? -4.176  0.596  -0.587 1.00 0.04 0.007 0.007 0.007 0.00 0.00 ? 10 CYS A N    1 
ATOM   66  C CA   . CYS A 1 6  ? -4.945  1.264  -1.648 1.00 0.04 0.009 0.009 0.010 0.00 0.00 ? 10 CYS A CA   1 
ATOM   67  C C    . CYS A 1 6  ? -4.070  1.704  -2.804 1.00 0.04 0.009 0.009 0.009 0.00 0.00 ? 10 CYS A C    1 
ATOM   68  O O    . CYS A 1 6  ? -4.512  1.856  -3.914 1.00 0.08 0.008 0.007 0.010 0.00 0.00 ? 10 CYS A O    1 
ATOM   69  C CB   . CYS A 1 6  ? -5.708  2.454  -1.107 1.00 0.05 0.010 0.011 0.011 0.00 0.00 ? 10 CYS A CB   1 
ATOM   70  S SG   . CYS A 1 6  ? -4.628  3.848  -0.690 1.00 0.05 0.003 0.003 0.003 0.00 0.00 ? 10 CYS A SG   1 
ATOM   71  H H    . CYS A 1 6  ? -4.040  1.030  0.310  1.00 0.04 0.118 0.114 0.114 0.00 0.03 ? 10 CYS A H    1 
ATOM   72  H HA   . CYS A 1 6  ? -5.664  0.534  -2.019 1.00 0.04 0.118 0.109 0.120 0.00 0.03 ? 10 CYS A HA   1 
ATOM   73  H HB2  . CYS A 1 6  ? -6.431  2.776  -1.849 1.00 0.05 0.125 0.123 0.122 0.00 0.04 ? 10 CYS A HB2  1 
ATOM   74  H HB3  . CYS A 1 6  ? -6.255  2.148  -0.217 1.00 0.05 0.131 0.114 0.131 0.00 0.04 ? 10 CYS A HB3  1 
ATOM   75  N N    . ASN A 1 7  ? -2.789  1.977  -2.483 1.00 0.05 0.007 0.008 0.009 0.00 0.00 ? 11 ASN A N    1 
ATOM   76  C CA   . ASN A 1 7  ? -1.776  2.466  -3.405 1.00 0.04 0.009 0.009 0.010 0.00 0.00 ? 11 ASN A CA   1 
ATOM   77  C C    . ASN A 1 7  ? -0.692  1.406  -3.440 1.00 0.04 0.008 0.009 0.009 0.00 0.00 ? 11 ASN A C    1 
ATOM   78  O O    . ASN A 1 7  ? -0.094  1.136  -2.385 1.00 0.05 0.006 0.006 0.007 0.00 0.00 ? 11 ASN A O    1 
ATOM   79  C CB   . ASN A 1 7  ? -1.283  3.822  -2.918 1.00 0.05 0.010 0.012 0.011 0.00 0.00 ? 11 ASN A CB   1 
ATOM   80  C CG   . ASN A 1 7  ? -0.067  4.357  -3.644 1.00 0.05 0.010 0.010 0.011 0.00 0.00 ? 11 ASN A CG   1 
ATOM   81  O OD1  . ASN A 1 7  ? 0.558   3.675  -4.463 1.00 0.06 0.007 0.008 0.008 0.00 0.00 ? 11 ASN A OD1  1 
ATOM   82  N ND2  . ASN A 1 7  ? 0.290   5.593  -3.275 1.00 0.07 0.012 0.013 0.011 0.00 0.00 ? 11 ASN A ND2  1 
ATOM   83  H H    . ASN A 1 7  ? -2.506  1.838  -1.523 1.00 0.05 0.121 0.121 0.125 0.00 0.03 ? 11 ASN A H    1 
ATOM   84  H HA   . ASN A 1 7  ? -2.142  2.611  -4.425 1.00 0.04 0.113 0.113 0.116 0.00 0.03 ? 11 ASN A HA   1 
ATOM   85  H HB2  . ASN A 1 7  ? -2.099  4.536  -3.030 1.00 0.05 0.124 0.122 0.139 0.00 0.04 ? 11 ASN A HB2  1 
ATOM   86  H HB3  . ASN A 1 7  ? -1.057  3.734  -1.866 1.00 0.05 0.128 0.129 0.130 0.00 0.04 ? 11 ASN A HB3  1 
ATOM   87  H HD21 . ASN A 1 7  ? -0.079  5.968  -2.632 1.00 0.07 0.164 0.153 0.169 0.00 0.06 ? 11 ASN A HD21 1 
ATOM   88  H HD22 . ASN A 1 7  ? 0.149   6.255  -3.972 1.00 0.07 0.154 0.145 0.161 0.00 0.05 ? 11 ASN A HD22 1 
ATOM   89  N N    . PRO A 1 8  ? -0.451  0.734  -4.568 1.00 0.04 0.008 0.007 0.008 0.00 0.00 ? 12 PRO A N    1 
ATOM   90  C CA   . PRO A 1 8  ? 0.491   -0.397 -4.574 1.00 0.05 0.010 0.009 0.010 0.00 0.00 ? 12 PRO A CA   1 
ATOM   91  C C    . PRO A 1 8  ? 1.930   0.009  -4.299 1.00 0.05 0.010 0.010 0.010 0.00 0.00 ? 12 PRO A C    1 
ATOM   92  O O    . PRO A 1 8  ? 2.739   -0.877 -4.037 1.00 0.06 0.008 0.007 0.007 0.00 0.00 ? 12 PRO A O    1 
ATOM   93  C CB   . PRO A 1 8  ? 0.325   -0.974 -5.985 1.00 0.08 0.017 0.012 0.014 0.00 0.00 ? 12 PRO A CB   1 
ATOM   94  C CG   . PRO A 1 8  ? -0.320  -0.019 -6.764 1.00 0.16 0.040 0.020 0.019 0.00 0.00 ? 12 PRO A CG   1 
ATOM   95  C CD   . PRO A 1 8  ? -1.091  0.933  -5.874 1.00 0.06 0.013 0.011 0.012 0.00 0.00 ? 12 PRO A CD   1 
ATOM   96  H HA   . PRO A 1 8  ? 0.252   -1.102 -3.781 1.00 0.05 0.121 0.115 0.125 0.00 0.03 ? 12 PRO A HA   1 
ATOM   97  H HB2  . PRO A 1 8  ? 1.283   -1.262 -6.392 1.00 0.07 0.149 0.139 0.161 0.00 0.05 ? 12 PRO A HB2  1 
ATOM   98  H HB3  . PRO A 1 8  ? -0.292  -1.895 -5.938 1.00 0.07 0.148 0.141 0.158 0.00 0.05 ? 12 PRO A HB3  1 
ATOM   99  H HG2  . PRO A 1 8  ? 0.437   0.533  -7.319 1.00 0.15 0.225 0.248 0.271 0.00 0.11 ? 12 PRO A HG2  1 
ATOM   100 H HG3  . PRO A 1 8  ? -0.989  -0.479 -7.464 1.00 0.15 0.236 0.225 0.229 0.00 0.09 ? 12 PRO A HG3  1 
ATOM   101 H HD2  . PRO A 1 8  ? -0.976  1.987  -6.209 1.00 0.06 0.141 0.127 0.143 0.00 0.04 ? 12 PRO A HD2  1 
ATOM   102 H HD3  . PRO A 1 8  ? -2.150  0.733  -5.861 1.00 0.06 0.141 0.133 0.145 0.00 0.04 ? 12 PRO A HD3  1 
ATOM   103 N N    . LEU A 1 9  ? 2.268   1.299  -4.357 1.00 0.05 0.008 0.008 0.009 0.00 0.00 ? 13 LEU A N    1 
ATOM   104 C CA   . LEU A 1 9  ? 3.613   1.743  -4.049 1.00 0.05 0.009 0.009 0.011 0.00 0.00 ? 13 LEU A CA   1 
ATOM   105 C C    . LEU A 1 9  ? 3.820   2.043  -2.569 1.00 0.05 0.010 0.010 0.011 0.00 0.00 ? 13 LEU A C    1 
ATOM   106 O O    . LEU A 1 9  ? 4.924   2.354  -2.142 1.00 0.07 0.007 0.007 0.009 0.00 0.00 ? 13 LEU A O    1 
ATOM   107 C CB   . LEU A 1 9  ? 3.996   2.926  -4.936 1.00 0.07 0.010 0.011 0.016 0.00 0.00 ? 13 LEU A CB   1 
ATOM   108 C CG   . LEU A 1 9  ? 3.915   2.689  -6.405 1.00 0.12 0.015 0.015 0.027 0.00 0.00 ? 13 LEU A CG   1 
ATOM   109 C CD1  . LEU A 1 9  ? 4.296   3.992  -7.153 1.00 0.15 0.018 0.021 0.040 0.00 0.00 ? 13 LEU A CD1  1 
ATOM   110 C CD2  . LEU A 1 9  ? 4.728   1.545  -6.825 1.00 0.19 0.033 0.040 0.036 0.00 0.00 ? 13 LEU A CD2  1 
ATOM   111 H H    . LEU A 1 9  ? 1.570   1.979  -4.629 1.00 0.05 0.124 0.121 0.139 0.00 0.04 ? 13 LEU A H    1 
ATOM   112 H HA   . LEU A 1 9  ? 4.289   0.917  -4.240 1.00 0.05 0.121 0.109 0.133 0.00 0.03 ? 13 LEU A HA   1 
ATOM   113 H HB2  . LEU A 1 9  ? 3.364   3.758  -4.685 1.00 0.07 0.147 0.136 0.151 0.00 0.05 ? 13 LEU A HB2  1 
ATOM   114 H HB3  . LEU A 1 9  ? 5.028   3.195  -4.720 1.00 0.07 0.152 0.132 0.145 0.00 0.04 ? 13 LEU A HB3  1 
ATOM   115 H HG   . LEU A 1 9  ? 2.865   2.426  -6.595 1.00 0.12 0.206 0.181 0.195 0.00 0.07 ? 13 LEU A HG   1 
ATOM   116 H HD11 . LEU A 1 9  ? 3.878   4.863  -6.717 1.00 0.15 0.253 0.249 0.242 0.00 0.12 ? 13 LEU A HD11 1 
ATOM   117 H HD12 . LEU A 1 9  ? 5.355   4.033  -7.141 1.00 0.15 0.239 0.219 0.241 0.00 0.09 ? 13 LEU A HD12 1 
ATOM   118 H HD13 . LEU A 1 9  ? 3.961   3.888  -8.179 1.00 0.15 0.233 0.219 0.224 0.00 0.08 ? 13 LEU A HD13 1 
ATOM   119 H HD21 . LEU A 1 9  ? 5.704   1.513  -6.288 1.00 0.18 0.280 0.265 0.323 0.00 0.15 ? 13 LEU A HD21 1 
ATOM   120 H HD22 . LEU A 1 9  ? 4.173   0.637  -6.651 1.00 0.18 0.273 0.253 0.278 0.00 0.12 ? 13 LEU A HD22 1 
ATOM   121 H HD23 . LEU A 1 9  ? 4.903   1.631  -7.899 1.00 0.18 0.267 0.252 0.272 0.00 0.10 ? 13 LEU A HD23 1 
ATOM   122 N N    . CYS A 1 10 ? 2.746   1.902  -1.751 1.00 0.05 0.007 0.007 0.009 0.00 0.00 ? 14 CYS A N    1 
ATOM   123 C CA   . CYS A 1 10 ? 2.959   1.873  -0.329 1.00 0.05 0.010 0.009 0.011 0.00 0.00 ? 14 CYS A CA   1 
ATOM   124 C C    . CYS A 1 10 ? 3.944   0.775  0.045  1.00 0.05 0.008 0.009 0.012 0.00 0.00 ? 14 CYS A C    1 
ATOM   125 O O    . CYS A 1 10 ? 3.967   -0.275 -0.563 1.00 0.06 0.008 0.007 0.008 0.00 0.00 ? 14 CYS A O    1 
ATOM   126 C CB   . CYS A 1 10 ? 1.614   1.565  0.355  1.00 0.06 0.010 0.011 0.012 0.00 0.00 ? 14 CYS A CB   1 
ATOM   127 S SG   . CYS A 1 10 ? 0.377   2.887  0.222  1.00 0.06 0.003 0.003 0.003 0.00 0.00 ? 14 CYS A SG   1 
ATOM   128 H H    . CYS A 1 10 ? 1.812   1.802  -2.130 1.00 0.05 0.127 0.118 0.126 0.00 0.03 ? 14 CYS A H    1 
ATOM   129 H HA   . CYS A 1 10 ? 3.370   2.843  -0.021 1.00 0.05 0.123 0.118 0.128 0.00 0.04 ? 14 CYS A HA   1 
ATOM   130 H HB2  . CYS A 1 10 ? 1.207   0.668  -0.084 1.00 0.05 0.135 0.123 0.131 0.00 0.04 ? 14 CYS A HB2  1 
ATOM   131 H HB3  . CYS A 1 10 ? 1.798   1.377  1.411  1.00 0.05 0.126 0.124 0.127 0.00 0.04 ? 14 CYS A HB3  1 
ATOM   132 N N    . ALA A 1 11 ? 4.694   1.015  1.126  1.00 0.05 0.009 0.008 0.010 0.00 0.00 ? 15 ALA A N    1 
ATOM   133 C CA   . ALA A 1 11 ? 5.653   0.018  1.615  1.00 0.06 0.011 0.009 0.012 0.00 0.00 ? 15 ALA A CA   1 
ATOM   134 C C    . ALA A 1 11 ? 4.920   -1.261 1.938  1.00 0.05 0.010 0.009 0.010 0.00 0.00 ? 15 ALA A C    1 
ATOM   135 O O    . ALA A 1 11 ? 3.937   -1.286 2.677  1.00 0.06 0.007 0.008 0.008 0.00 0.00 ? 15 ALA A O    1 
ATOM   136 C CB   . ALA A 1 11 ? 6.404   0.543  2.837  1.00 0.08 0.016 0.012 0.019 0.00 0.00 ? 15 ALA A CB   1 
ATOM   137 H H    . ALA A 1 11 ? 4.603   1.877  1.620  1.00 0.05 0.135 0.122 0.140 0.00 0.04 ? 15 ALA A H    1 
ATOM   138 H HA   . ALA A 1 11 ? 6.379   -0.177 0.817  1.00 0.05 0.138 0.121 0.140 0.00 0.04 ? 15 ALA A HA   1 
ATOM   139 H HB1  . ALA A 1 11 ? 6.740   1.420  2.803  1.00 0.08 0.169 0.157 0.173 0.00 0.05 ? 15 ALA A HB1  1 
ATOM   140 H HB2  . ALA A 1 11 ? 5.739   0.493  3.687  1.00 0.08 0.169 0.144 0.164 0.00 0.05 ? 15 ALA A HB2  1 
ATOM   141 H HB3  . ALA A 1 11 ? 7.247   -0.108 3.018  1.00 0.08 0.162 0.155 0.170 0.00 0.05 ? 15 ALA A HB3  1 
ATOM   142 N N    . GLY A 1 12 ? 5.401   -2.368 1.396  1.00 0.06 0.011 0.008 0.009 0.00 0.00 ? 16 GLY A N    1 
ATOM   143 C CA   . GLY A 1 12 ? 4.795   -3.669 1.701  1.00 0.07 0.016 0.012 0.013 0.00 0.00 ? 16 GLY A CA   1 
ATOM   144 C C    . GLY A 1 12 ? 3.602   -4.036 0.831  1.00 0.05 0.011 0.010 0.010 0.00 0.00 ? 16 GLY A C    1 
ATOM   145 O O    . GLY A 1 12 ? 2.976   -5.048 1.118  1.00 0.07 0.009 0.007 0.009 0.00 0.00 ? 16 GLY A O    1 
ATOM   146 H H    . GLY A 1 12 ? 6.186   -2.316 0.773  1.00 0.06 0.150 0.130 0.143 0.00 0.04 ? 16 GLY A H    1 
ATOM   147 H HA2  . GLY A 1 12 ? 5.544   -4.449 1.613  1.00 0.07 0.152 0.132 0.162 0.00 0.05 ? 16 GLY A HA2  1 
ATOM   148 H HA3  . GLY A 1 12 ? 4.455   -3.667 2.746  1.00 0.07 0.146 0.144 0.153 0.00 0.05 ? 16 GLY A HA3  1 
ATOM   149 N N    . CYS A 1 13 ? 3.260   -3.229 -0.173 1.00 0.05 0.008 0.007 0.008 0.00 0.00 ? 17 CYS A N    1 
ATOM   150 C CA   . CYS A 1 13 ? 2.136   -3.493 -1.045 1.00 0.04 0.009 0.009 0.010 0.00 0.00 ? 17 CYS A CA   1 
ATOM   151 C C    . CYS A 1 13 ? 2.600   -3.890 -2.422 1.00 0.05 0.010 0.010 0.011 0.00 0.00 ? 17 CYS A C    1 
ATOM   152 O O    . CYS A 1 13 ? 3.729   -4.036 -2.763 1.00 0.07 0.008 0.007 0.009 0.00 0.00 ? 17 CYS A O    1 
ATOM   153 C CB   . CYS A 1 13 ? 1.171   -2.331 -1.087 1.00 0.05 0.010 0.009 0.011 0.00 0.00 ? 17 CYS A CB   1 
ATOM   154 S SG   . CYS A 1 13 ? 0.459   -1.866 0.531  1.00 0.05 0.003 0.002 0.003 0.00 0.00 ? 17 CYS A SG   1 
ATOM   155 O OXT  . CYS A 1 13 ? 1.551   -4.059 -3.229 1.00 0.07 0.007 0.007 0.009 0.00 0.00 ? 17 CYS A OXT  1 
ATOM   156 H H    . CYS A 1 13 ? 3.788   -2.387 -0.323 1.00 0.05 0.127 0.113 0.123 0.00 0.03 ? 17 CYS A H    1 
ATOM   157 H HA   . CYS A 1 13 ? 1.590   -4.338 -0.633 1.00 0.04 0.120 0.108 0.118 0.00 0.03 ? 17 CYS A HA   1 
ATOM   158 H HB2  . CYS A 1 13 ? 1.682   -1.475 -1.510 1.00 0.05 0.131 0.111 0.124 0.00 0.04 ? 17 CYS A HB2  1 
ATOM   159 H HB3  . CYS A 1 13 ? 0.355   -2.598 -1.762 1.00 0.05 0.120 0.118 0.124 0.00 0.03 ? 17 CYS A HB3  1 
ATOM   160 H HXT  . CYS A 1 13 ? 2.222   -4.139 -4.201 1.00 0.07 0.148 0.132 0.137 0.00 0.04 ? 17 CYS A HXT  1 
HETATM 161 O O    . HOH B 2 .  ? -4.532  -4.381 4.855  1.00 0.24 0.023 0.025 0.018 0.00 0.00 ? 18 HOH A O    1 
HETATM 162 O O    . HOH B 2 .  ? -8.203  2.101  7.948  1.00 0.08 0.009 0.008 0.009 0.00 0.00 ? 19 HOH A O    1 
HETATM 163 O O    . HOH B 2 .  ? -8.217  4.931  4.886  1.00 0.19 0.023 0.018 0.016 0.00 0.00 ? 20 HOH A O    1 
HETATM 164 O O    . HOH B 2 .  ? -6.485  0.185  -5.105 1.00 0.10 0.009 0.010 0.013 0.00 0.00 ? 21 HOH A O    1 
HETATM 165 O O    . HOH B 2 .  ? 4.212   -2.393 -5.834 1.00 0.07 0.008 0.007 0.008 0.00 0.00 ? 22 HOH A O    1 
HETATM 166 O O    . HOH B 2 .  ? 7.359   1.307  -2.833 1.00 0.18 0.018 0.017 0.016 0.00 0.00 ? 23 HOH A O    1 
HETATM 167 O O    . HOH B 2 .  ? 4.154   3.457  2.533  1.00 0.11 0.011 0.011 0.011 0.00 0.00 ? 24 HOH A O    1 
HETATM 168 O O    . HOH B 2 .  ? 5.354   -1.622 -2.781 1.00 0.13 0.013 0.011 0.015 0.00 0.00 ? 25 HOH A O    1 
HETATM 169 O O    . HOH B 2 .  ? 2.328   -4.451 -5.725 1.00 0.07 0.008 0.007 0.008 0.00 0.00 ? 26 HOH A O    1 
HETATM 170 O O    . HOH B 2 .  ? -10.361 2.941  6.444  1.00 0.14 0.016 0.012 0.013 0.00 0.00 ? 27 HOH A O    1 
# 
loop_
_atom_site_anisotrop.id 
_atom_site_anisotrop.type_symbol 
_atom_site_anisotrop.pdbx_label_atom_id 
_atom_site_anisotrop.pdbx_label_alt_id 
_atom_site_anisotrop.pdbx_label_comp_id 
_atom_site_anisotrop.pdbx_label_asym_id 
_atom_site_anisotrop.pdbx_label_seq_id 
_atom_site_anisotrop.pdbx_PDB_ins_code 
_atom_site_anisotrop.U[1][1] 
_atom_site_anisotrop.U[2][2] 
_atom_site_anisotrop.U[3][3] 
_atom_site_anisotrop.U[1][2] 
_atom_site_anisotrop.U[1][3] 
_atom_site_anisotrop.U[2][3] 
_atom_site_anisotrop.U[1][1]_esd 
_atom_site_anisotrop.U[2][2]_esd 
_atom_site_anisotrop.U[3][3]_esd 
_atom_site_anisotrop.U[1][2]_esd 
_atom_site_anisotrop.U[1][3]_esd 
_atom_site_anisotrop.U[2][3]_esd 
_atom_site_anisotrop.pdbx_auth_seq_id 
_atom_site_anisotrop.pdbx_auth_comp_id 
_atom_site_anisotrop.pdbx_auth_asym_id 
_atom_site_anisotrop.pdbx_auth_atom_id 
1   C C1   . MPR A 1  ? 0.0486  0.0398 0.0386  -0.0047 -0.0023 0.0128  0.0003 0.0001 0.0006 0.0003 0.0008 0.0004 5  MPR A C1   
2   O O    . MPR A 1  ? 0.0526  0.0380 0.0515  -0.0163 -0.0102 -0.0060 0.0002 0.0001 0.0005 0.0002 0.0006 0.0003 5  MPR A O    
3   C C2   . MPR A 1  ? 0.0636  0.0432 0.0537  -0.0045 0.0004  0.0002  0.0004 0.0001 0.0006 0.0003 0.0009 0.0005 5  MPR A C2   
4   C C3   . MPR A 1  ? 0.0430  0.0666 0.0453  0.0002  0.0113  -0.0190 0.0003 0.0001 0.0008 0.0003 0.0010 0.0005 5  MPR A C3   
5   S S3   . MPR A 1  ? 0.0850  0.0555 0.0397  0.0244  0.0083  0.0027  0.0001 0.0000 0.0002 0.0001 0.0002 0.0001 5  MPR A S3   
6   H H21  . MPR A 1  ? 0.0531  0.0531 0.0531  0.0000  0.0000  0.0000  0.0363 0.0363 0.0363 0.0000 0.0000 0.0000 5  MPR A H21  
7   H H22  . MPR A 1  ? 0.0530  0.0530 0.0530  0.0000  0.0000  0.0000  0.0363 0.0363 0.0363 0.0000 0.0000 0.0000 5  MPR A H22  
8   H H31  . MPR A 1  ? 0.0506  0.0506 0.0506  0.0000  0.0000  0.0000  0.0366 0.0366 0.0366 0.0000 0.0000 0.0000 5  MPR A H31  
9   H H32  . MPR A 1  ? 0.0507  0.0507 0.0507  0.0000  0.0000  0.0000  0.0360 0.0360 0.0360 0.0000 0.0000 0.0000 5  MPR A H32  
10  N N    . CYS A 2  ? 0.0355  0.0437 0.0631  -0.0073 -0.0085 0.0001  0.0003 0.0001 0.0006 0.0002 0.0006 0.0004 6  CYS A N    
11  C CA   . CYS A 2  ? 0.0383  0.0433 0.0459  -0.0059 -0.0037 0.0066  0.0003 0.0001 0.0006 0.0003 0.0008 0.0004 6  CYS A CA   
12  C C    . CYS A 2  ? 0.0285  0.0542 0.0428  -0.0069 0.0061  -0.0116 0.0003 0.0001 0.0008 0.0003 0.0008 0.0004 6  CYS A C    
13  O O    . CYS A 2  ? 0.0468  0.0563 0.0295  0.0079  0.0067  -0.0048 0.0002 0.0001 0.0005 0.0002 0.0005 0.0003 6  CYS A O    
14  C CB   . CYS A 2  ? 0.0462  0.0675 0.0422  -0.0073 0.0144  -0.0077 0.0003 0.0001 0.0009 0.0003 0.0009 0.0005 6  CYS A CB   
15  S SG   . CYS A 2  ? 0.0713  0.0516 0.0691  -0.0175 0.0305  -0.0149 0.0001 0.0000 0.0002 0.0001 0.0002 0.0001 6  CYS A SG   
16  H H    . CYS A 2  ? 0.0474  0.0474 0.0474  0.0000  0.0000  0.0000  0.0348 0.0348 0.0348 0.0000 0.0000 0.0000 6  CYS A H    
17  H HA   . CYS A 2  ? 0.0442  0.0442 0.0442  0.0000  0.0000  0.0000  0.0336 0.0336 0.0336 0.0000 0.0000 0.0000 6  CYS A HA   
18  H HB2  . CYS A 2  ? 0.0531  0.0531 0.0531  0.0000  0.0000  0.0000  0.0367 0.0367 0.0367 0.0000 0.0000 0.0000 6  CYS A HB2  
19  H HB3  . CYS A 2  ? 0.0533  0.0533 0.0533  0.0000  0.0000  0.0000  0.0377 0.0377 0.0377 0.0000 0.0000 0.0000 6  CYS A HB3  
20  N N    . GLU A 3  ? 0.0429  0.0449 0.0338  -0.0010 0.0013  0.0026  0.0002 0.0001 0.0006 0.0002 0.0006 0.0003 7  GLU A N    
21  C CA   . GLU A 3  ? 0.0632  0.0395 0.0291  0.0004  -0.0043 0.0018  0.0004 0.0001 0.0006 0.0003 0.0008 0.0004 7  GLU A CA   
22  C C    . GLU A 3  ? 0.0806  0.0337 0.0207  -0.0116 0.0015  0.0076  0.0003 0.0001 0.0006 0.0003 0.0009 0.0004 7  GLU A C    
23  O O    . GLU A 3  ? 0.1671  0.0197 0.0527  -0.0548 -0.0371 0.0429  0.0004 0.0001 0.0008 0.0003 0.0010 0.0004 7  GLU A O    
24  C CB   . GLU A 3  ? 0.0708  0.0762 0.0095  0.0135  0.0135  0.0018  0.0004 0.0001 0.0008 0.0003 0.0010 0.0005 7  GLU A CB   
25  C CG   . GLU A 3  ? 0.0714  0.0607 0.0203  0.0069  0.0136  0.0086  0.0003 0.0001 0.0008 0.0003 0.0009 0.0005 7  GLU A CG   
26  C CD   . GLU A 3  ? 0.0848  0.0635 0.0180  0.0025  0.0217  -0.0089 0.0004 0.0001 0.0008 0.0003 0.0010 0.0005 7  GLU A CD   
27  O OE1  . GLU A 3  ? 0.1197  0.0521 0.0509  0.0059  0.0550  -0.0057 0.0003 0.0001 0.0006 0.0003 0.0006 0.0004 7  GLU A OE1  
28  O OE2  . GLU A 3  ? 0.0474  0.0698 0.0650  0.0103  -0.0019 0.0005  0.0003 0.0001 0.0006 0.0003 0.0006 0.0003 7  GLU A OE2  
29  H H    . GLU A 3  ? 0.0404  0.0404 0.0404  0.0000  0.0000  0.0000  0.0319 0.0319 0.0319 0.0000 0.0000 0.0000 7  GLU A H    
30  H HA   . GLU A 3  ? 0.0426  0.0426 0.0426  0.0000  0.0000  0.0000  0.0330 0.0330 0.0330 0.0000 0.0000 0.0000 7  GLU A HA   
31  H HB2  . GLU A 3  ? 0.0523  0.0523 0.0523  0.0000  0.0000  0.0000  0.0357 0.0357 0.0357 0.0000 0.0000 0.0000 7  GLU A HB2  
32  H HB3  . GLU A 3  ? 0.0518  0.0518 0.0518  0.0000  0.0000  0.0000  0.0359 0.0359 0.0359 0.0000 0.0000 0.0000 7  GLU A HB3  
33  H HG2  . GLU A 3  ? 0.0507  0.0507 0.0507  0.0000  0.0000  0.0000  0.0352 0.0352 0.0352 0.0000 0.0000 0.0000 7  GLU A HG2  
34  H HG3  . GLU A 3  ? 0.0507  0.0507 0.0507  0.0000  0.0000  0.0000  0.0344 0.0344 0.0344 0.0000 0.0000 0.0000 7  GLU A HG3  
35  H HE2  . GLU A 3  ? 0.0611  0.0611 0.0611  0.0000  0.0000  0.0000  0.0417 0.0417 0.0417 0.0000 0.0000 0.0000 7  GLU A HE2  
36  N N    . LEU A 4  ? 0.0488  0.0422 0.0301  -0.0104 0.0025  -0.0067 0.0002 0.0001 0.0006 0.0002 0.0006 0.0003 8  LEU A N    
37  C CA   . LEU A 4  ? 0.0508  0.0501 0.0322  -0.0243 0.0027  -0.0049 0.0003 0.0001 0.0008 0.0002 0.0008 0.0004 8  LEU A CA   
38  C C    . LEU A 4  ? 0.0603  0.0275 0.0500  -0.0152 -0.0059 0.0006  0.0003 0.0001 0.0006 0.0003 0.0008 0.0004 8  LEU A C    
39  O O    . LEU A 4  ? 0.0531  0.0624 0.0451  -0.0267 0.0022  -0.0259 0.0002 0.0001 0.0006 0.0002 0.0006 0.0003 8  LEU A O    
40  C CB   . LEU A 4  ? 0.0418  0.0837 0.0408  -0.0183 -0.0052 -0.0154 0.0004 0.0001 0.0010 0.0003 0.0011 0.0005 8  LEU A CB   
41  C CG   . LEU A 4  ? 0.0524  0.1073 0.0557  -0.0018 -0.0010 -0.0569 0.0005 0.0001 0.0011 0.0004 0.0013 0.0006 8  LEU A CG   
42  C CD1  . LEU A 4  ? -0.0148 0.1164 0.1733  0.0143  -0.0031 -0.0119 0.0006 0.0002 0.0013 0.0006 0.0015 0.0009 8  LEU A CD1  
43  C CD2  . LEU A 4  ? 0.1764  0.1278 0.0426  -0.0079 0.0766  -0.0037 0.0006 0.0003 0.0022 0.0008 0.0019 0.0016 8  LEU A CD2  
44  H H    . LEU A 4  ? 0.0414  0.0414 0.0414  0.0000  0.0000  0.0000  0.0335 0.0335 0.0335 0.0000 0.0000 0.0000 8  LEU A H    
45  H HA   . LEU A 4  ? 0.0482  0.0482 0.0482  0.0000  0.0000  0.0000  0.0343 0.0343 0.0343 0.0000 0.0000 0.0000 8  LEU A HA   
46  H HB2  . LEU A 4  ? 0.0568  0.0568 0.0568  0.0000  0.0000  0.0000  0.0382 0.0382 0.0382 0.0000 0.0000 0.0000 8  LEU A HB2  
47  H HB3  . LEU A 4  ? 0.0571  0.0571 0.0571  0.0000  0.0000  0.0000  0.0381 0.0381 0.0381 0.0000 0.0000 0.0000 8  LEU A HB3  
48  H HG   . LEU A 4  ? 0.0694  0.0694 0.0694  0.0000  0.0000  0.0000  0.0424 0.0424 0.0424 0.0000 0.0000 0.0000 8  LEU A HG   
49  H HD11 . LEU A 4  ? 0.0880  0.0880 0.0880  0.0000  0.0000  0.0000  0.0545 0.0545 0.0545 0.0000 0.0000 0.0000 8  LEU A HD11 
50  H HD12 . LEU A 4  ? 0.0896  0.0896 0.0896  0.0000  0.0000  0.0000  0.0542 0.0542 0.0542 0.0000 0.0000 0.0000 8  LEU A HD12 
51  H HD13 . LEU A 4  ? 0.0911  0.0911 0.0911  0.0000  0.0000  0.0000  0.0563 0.0563 0.0563 0.0000 0.0000 0.0000 8  LEU A HD13 
52  H HD21 . LEU A 4  ? 0.1124  0.1124 0.1124  0.0000  0.0000  0.0000  0.0949 0.0949 0.0949 0.0000 0.0000 0.0000 8  LEU A HD21 
53  H HD22 . LEU A 4  ? 0.1136  0.1136 0.1136  0.0000  0.0000  0.0000  0.0787 0.0787 0.0787 0.0000 0.0000 0.0000 8  LEU A HD22 
54  H HD23 . LEU A 4  ? 0.1132  0.1132 0.1132  0.0000  0.0000  0.0000  0.0652 0.0652 0.0652 0.0000 0.0000 0.0000 8  LEU A HD23 
55  N N    . CYS A 5  ? 0.0432  0.0586 0.0266  -0.0034 0.0016  -0.0203 0.0003 0.0001 0.0006 0.0002 0.0006 0.0003 9  CYS A N    
56  C CA   . CYS A 5  ? 0.0427  0.0537 0.0257  0.0065  -0.0024 -0.0126 0.0003 0.0001 0.0006 0.0003 0.0008 0.0004 9  CYS A CA   
57  C C    . CYS A 5  ? 0.0383  0.0509 0.0299  0.0045  0.0135  -0.0111 0.0003 0.0001 0.0006 0.0003 0.0006 0.0004 9  CYS A C    
58  O O    . CYS A 5  ? 0.0580  0.0757 0.0254  0.0228  0.0005  -0.0231 0.0003 0.0001 0.0005 0.0002 0.0006 0.0003 9  CYS A O    
59  C CB   . CYS A 5  ? 0.0577  0.0509 0.0313  -0.0043 0.0116  -0.0210 0.0003 0.0001 0.0006 0.0003 0.0008 0.0004 9  CYS A CB   
60  S SG   . CYS A 5  ? 0.0619  0.0466 0.0284  0.0097  0.0031  0.0094  0.0001 0.0000 0.0002 0.0001 0.0002 0.0001 9  CYS A SG   
61  H H    . CYS A 5  ? 0.0402  0.0402 0.0402  0.0000  0.0000  0.0000  0.0317 0.0317 0.0317 0.0000 0.0000 0.0000 9  CYS A H    
62  H HA   . CYS A 5  ? 0.0401  0.0401 0.0401  0.0000  0.0000  0.0000  0.0322 0.0322 0.0322 0.0000 0.0000 0.0000 9  CYS A HA   
63  H HB2  . CYS A 5  ? 0.0464  0.0464 0.0464  0.0000  0.0000  0.0000  0.0324 0.0324 0.0324 0.0000 0.0000 0.0000 9  CYS A HB2  
64  H HB3  . CYS A 5  ? 0.0466  0.0466 0.0466  0.0000  0.0000  0.0000  0.0335 0.0335 0.0335 0.0000 0.0000 0.0000 9  CYS A HB3  
65  N N    . CYS A 6  ? 0.0421  0.0517 0.0217  0.0090  0.0056  0.0006  0.0002 0.0001 0.0005 0.0002 0.0006 0.0003 10 CYS A N    
66  C CA   . CYS A 6  ? 0.0414  0.0456 0.0430  -0.0028 -0.0036 0.0099  0.0003 0.0001 0.0006 0.0003 0.0008 0.0004 10 CYS A CA   
67  C C    . CYS A 6  ? 0.0414  0.0545 0.0293  0.0112  0.0073  -0.0014 0.0003 0.0001 0.0006 0.0003 0.0008 0.0004 10 CYS A C    
68  O O    . CYS A 6  ? 0.0804  0.1222 0.0287  -0.0184 -0.0113 0.0224  0.0003 0.0001 0.0010 0.0002 0.0009 0.0004 10 CYS A O    
69  C CB   . CYS A 6  ? 0.0362  0.0590 0.0650  -0.0019 0.0019  -0.0052 0.0004 0.0001 0.0008 0.0003 0.0009 0.0005 10 CYS A CB   
70  S SG   . CYS A 6  ? 0.0601  0.0445 0.0509  -0.0067 0.0135  -0.0074 0.0001 0.0000 0.0002 0.0001 0.0002 0.0001 10 CYS A SG   
71  H H    . CYS A 6  ? 0.0392  0.0392 0.0392  0.0000  0.0000  0.0000  0.0319 0.0319 0.0319 0.0000 0.0000 0.0000 10 CYS A H    
72  H HA   . CYS A 6  ? 0.0444  0.0444 0.0444  0.0000  0.0000  0.0000  0.0338 0.0338 0.0338 0.0000 0.0000 0.0000 10 CYS A HA   
73  H HB2  . CYS A 6  ? 0.0530  0.0530 0.0530  0.0000  0.0000  0.0000  0.0372 0.0372 0.0372 0.0000 0.0000 0.0000 10 CYS A HB2  
74  H HB3  . CYS A 6  ? 0.0534  0.0534 0.0534  0.0000  0.0000  0.0000  0.0358 0.0358 0.0358 0.0000 0.0000 0.0000 10 CYS A HB3  
75  N N    . ASN A 7  ? 0.0384  0.0760 0.0276  0.0174  0.0057  0.0208  0.0003 0.0001 0.0006 0.0002 0.0006 0.0004 11 ASN A N    
76  C CA   . ASN A 7  ? 0.0406  0.0561 0.0308  0.0081  0.0136  0.0073  0.0003 0.0001 0.0006 0.0003 0.0008 0.0004 11 ASN A CA   
77  C C    . ASN A 7  ? 0.0440  0.0353 0.0340  -0.0026 0.0120  0.0114  0.0003 0.0001 0.0006 0.0002 0.0006 0.0004 11 ASN A C    
78  O O    . ASN A 7  ? 0.0494  0.0657 0.0297  0.0169  0.0069  0.0157  0.0002 0.0001 0.0005 0.0002 0.0006 0.0003 11 ASN A O    
79  C CB   . ASN A 7  ? 0.0658  0.0507 0.0461  0.0037  0.0258  0.0098  0.0003 0.0001 0.0006 0.0003 0.0008 0.0005 11 ASN A CB   
80  C CG   . ASN A 7  ? 0.0471  0.0653 0.0431  0.0203  0.0065  0.0230  0.0003 0.0001 0.0008 0.0003 0.0009 0.0005 11 ASN A CG   
81  O OD1  . ASN A 7  ? 0.1045  0.0460 0.0421  0.0004  0.0391  0.0088  0.0002 0.0001 0.0006 0.0003 0.0006 0.0004 11 ASN A OD1  
82  N ND2  . ASN A 7  ? 0.0776  0.0488 0.0889  -0.0054 0.0123  -0.0246 0.0004 0.0001 0.0008 0.0004 0.0010 0.0006 11 ASN A ND2  
83  H H    . ASN A 7  ? 0.0480  0.0480 0.0480  0.0000  0.0000  0.0000  0.0349 0.0349 0.0349 0.0000 0.0000 0.0000 11 ASN A H    
84  H HA   . ASN A 7  ? 0.0431  0.0431 0.0431  0.0000  0.0000  0.0000  0.0328 0.0328 0.0328 0.0000 0.0000 0.0000 11 ASN A HA   
85  H HB2  . ASN A 7  ? 0.0543  0.0543 0.0543  0.0000  0.0000  0.0000  0.0373 0.0373 0.0373 0.0000 0.0000 0.0000 11 ASN A HB2  
86  H HB3  . ASN A 7  ? 0.0543  0.0543 0.0543  0.0000  0.0000  0.0000  0.0376 0.0376 0.0376 0.0000 0.0000 0.0000 11 ASN A HB3  
87  H HD21 . ASN A 7  ? 0.0706  0.0706 0.0706  0.0000  0.0000  0.0000  0.0553 0.0553 0.0553 0.0000 0.0000 0.0000 11 ASN A HD21 
88  H HD22 . ASN A 7  ? 0.0709  0.0709 0.0709  0.0000  0.0000  0.0000  0.0512 0.0512 0.0512 0.0000 0.0000 0.0000 11 ASN A HD22 
89  N N    . PRO A 8  ? 0.0654  0.0341 0.0336  -0.0037 -0.0063 0.0088  0.0003 0.0001 0.0005 0.0002 0.0006 0.0003 12 PRO A N    
90  C CA   . PRO A 8  ? 0.0840  0.0294 0.0311  -0.0194 -0.0021 0.0059  0.0003 0.0001 0.0006 0.0003 0.0009 0.0004 12 PRO A CA   
91  C C    . PRO A 8  ? 0.0812  0.0383 0.0267  -0.0005 0.0162  -0.0067 0.0003 0.0001 0.0006 0.0003 0.0008 0.0005 12 PRO A C    
92  O O    . PRO A 8  ? 0.0523  0.0596 0.0721  0.0230  0.0027  0.0082  0.0003 0.0001 0.0005 0.0003 0.0006 0.0004 12 PRO A O    
93  C CB   . PRO A 8  ? 0.1058  0.0786 0.0443  0.0078  0.0034  -0.0428 0.0006 0.0001 0.0010 0.0005 0.0015 0.0006 12 PRO A CB   
94  C CG   . PRO A 8  ? 0.3090  0.2347 -0.0519 0.2169  0.0219  -0.0305 0.0024 0.0002 0.0013 0.0012 0.0031 0.0009 12 PRO A CG   
95  C CD   . PRO A 8  ? 0.0775  0.0851 0.0251  0.0373  0.0024  0.0314  0.0005 0.0001 0.0009 0.0004 0.0011 0.0005 12 PRO A CD   
96  H HA   . PRO A 8  ? 0.0468  0.0468 0.0468  0.0000  0.0000  0.0000  0.0343 0.0343 0.0343 0.0000 0.0000 0.0000 12 PRO A HA   
97  H HB2  . PRO A 8  ? 0.0748  0.0748 0.0748  0.0000  0.0000  0.0000  0.0468 0.0468 0.0468 0.0000 0.0000 0.0000 12 PRO A HB2  
98  H HB3  . PRO A 8  ? 0.0749  0.0749 0.0749  0.0000  0.0000  0.0000  0.0469 0.0469 0.0469 0.0000 0.0000 0.0000 12 PRO A HB3  
99  H HG2  . PRO A 8  ? 0.1528  0.1528 0.1528  0.0000  0.0000  0.0000  0.1109 0.1109 0.1109 0.0000 0.0000 0.0000 12 PRO A HG2  
100 H HG3  . PRO A 8  ? 0.1512  0.1512 0.1512  0.0000  0.0000  0.0000  0.0890 0.0890 0.0890 0.0000 0.0000 0.0000 12 PRO A HG3  
101 H HD2  . PRO A 8  ? 0.0640  0.0640 0.0640  0.0000  0.0000  0.0000  0.0412 0.0412 0.0412 0.0000 0.0000 0.0000 12 PRO A HD2  
102 H HD3  . PRO A 8  ? 0.0643  0.0643 0.0643  0.0000  0.0000  0.0000  0.0424 0.0424 0.0424 0.0000 0.0000 0.0000 12 PRO A HD3  
103 N N    . LEU A 9  ? 0.0551  0.0587 0.0254  0.0007  0.0129  0.0034  0.0003 0.0001 0.0006 0.0002 0.0006 0.0004 13 LEU A N    
104 C CA   . LEU A 9  ? 0.0401  0.0542 0.0486  -0.0060 -0.0044 0.0243  0.0003 0.0001 0.0008 0.0003 0.0008 0.0005 13 LEU A CA   
105 C C    . LEU A 9  ? 0.0512  0.0669 0.0443  -0.0049 0.0083  0.0153  0.0003 0.0001 0.0009 0.0003 0.0009 0.0005 13 LEU A C    
106 O O    . LEU A 9  ? 0.0383  0.1137 0.0536  -0.0133 0.0046  -0.0008 0.0002 0.0001 0.0008 0.0002 0.0008 0.0004 13 LEU A O    
107 C CB   . LEU A 9  ? 0.0754  0.0717 0.0491  -0.0418 -0.0049 0.0294  0.0003 0.0001 0.0013 0.0003 0.0011 0.0006 13 LEU A CB   
108 C CG   . LEU A 9  ? 0.1768  0.1468 0.0383  -0.1113 0.0159  0.0121  0.0005 0.0002 0.0032 0.0005 0.0021 0.0012 13 LEU A CG   
109 C CD1  . LEU A 9  ? 0.2196  0.1702 0.0566  -0.1339 -0.0181 0.1089  0.0006 0.0002 0.0053 0.0006 0.0029 0.0018 13 LEU A CD1  
110 C CD2  . LEU A 9  ? 0.4755  0.1272 -0.0451 -0.0559 0.1640  -0.0701 0.0013 0.0006 0.0037 0.0016 0.0039 0.0027 13 LEU A CD2  
111 H H    . LEU A 9  ? 0.0481  0.0481 0.0481  0.0000  0.0000  0.0000  0.0367 0.0367 0.0367 0.0000 0.0000 0.0000 13 LEU A H    
112 H HA   . LEU A 9  ? 0.0487  0.0487 0.0487  0.0000  0.0000  0.0000  0.0348 0.0348 0.0348 0.0000 0.0000 0.0000 13 LEU A HA   
113 H HB2  . LEU A 9  ? 0.0671  0.0671 0.0671  0.0000  0.0000  0.0000  0.0458 0.0458 0.0458 0.0000 0.0000 0.0000 13 LEU A HB2  
114 H HB3  . LEU A 9  ? 0.0664  0.0664 0.0664  0.0000  0.0000  0.0000  0.0416 0.0416 0.0416 0.0000 0.0000 0.0000 13 LEU A HB3  
115 H HG   . LEU A 9  ? 0.1166  0.1166 0.1166  0.0000  0.0000  0.0000  0.0669 0.0669 0.0669 0.0000 0.0000 0.0000 13 LEU A HG   
116 H HD11 . LEU A 9  ? 0.1466  0.1466 0.1466  0.0000  0.0000  0.0000  0.1233 0.1233 0.1233 0.0000 0.0000 0.0000 13 LEU A HD11 
117 H HD12 . LEU A 9  ? 0.1459  0.1459 0.1459  0.0000  0.0000  0.0000  0.0909 0.0909 0.0909 0.0000 0.0000 0.0000 13 LEU A HD12 
118 H HD13 . LEU A 9  ? 0.1462  0.1462 0.1462  0.0000  0.0000  0.0000  0.0828 0.0828 0.0828 0.0000 0.0000 0.0000 13 LEU A HD13 
119 H HD21 . LEU A 9  ? 0.1811  0.1811 0.1811  0.0000  0.0000  0.0000  0.1509 0.1509 0.1509 0.0000 0.0000 0.0000 13 LEU A HD21 
120 H HD22 . LEU A 9  ? 0.1809  0.1809 0.1809  0.0000  0.0000  0.0000  0.1205 0.1205 0.1205 0.0000 0.0000 0.0000 13 LEU A HD22 
121 H HD23 . LEU A 9  ? 0.1799  0.1799 0.1799  0.0000  0.0000  0.0000  0.1019 0.1019 0.1019 0.0000 0.0000 0.0000 13 LEU A HD23 
122 N N    . CYS A 10 ? 0.0417  0.0673 0.0355  -0.0128 -0.0009 0.0077  0.0002 0.0001 0.0006 0.0002 0.0006 0.0004 14 CYS A N    
123 C CA   . CYS A 10 ? 0.0887  0.0300 0.0342  -0.0199 -0.0050 0.0047  0.0004 0.0001 0.0008 0.0003 0.0009 0.0005 14 CYS A CA   
124 C C    . CYS A 10 ? 0.0645  0.0535 0.0274  -0.0383 0.0060  -0.0005 0.0003 0.0001 0.0009 0.0002 0.0009 0.0005 14 CYS A C    
125 O O    . CYS A 10 ? 0.0815  0.0588 0.0403  -0.0119 -0.0001 -0.0177 0.0003 0.0001 0.0006 0.0002 0.0006 0.0004 14 CYS A O    
126 C CB   . CYS A 10 ? 0.0556  0.0664 0.0437  -0.0044 0.0079  0.0019  0.0003 0.0001 0.0009 0.0003 0.0009 0.0005 14 CYS A CB   
127 S SG   . CYS A 10 ? 0.0731  0.0857 0.0286  0.0208  0.0196  0.0186  0.0001 0.0000 0.0002 0.0001 0.0003 0.0001 14 CYS A SG   
128 H H    . CYS A 10 ? 0.0478  0.0478 0.0478  0.0000  0.0000  0.0000  0.0349 0.0349 0.0349 0.0000 0.0000 0.0000 14 CYS A H    
129 H HA   . CYS A 10 ? 0.0506  0.0506 0.0506  0.0000  0.0000  0.0000  0.0357 0.0357 0.0357 0.0000 0.0000 0.0000 14 CYS A HA   
130 H HB2  . CYS A 10 ? 0.0547  0.0547 0.0547  0.0000  0.0000  0.0000  0.0376 0.0376 0.0376 0.0000 0.0000 0.0000 14 CYS A HB2  
131 H HB3  . CYS A 10 ? 0.0543  0.0543 0.0543  0.0000  0.0000  0.0000  0.0368 0.0368 0.0368 0.0000 0.0000 0.0000 14 CYS A HB3  
132 N N    . ALA A 11 ? 0.0724  0.0444 0.0414  -0.0169 -0.0016 -0.0034 0.0003 0.0001 0.0006 0.0003 0.0008 0.0004 15 ALA A N    
133 C CA   . ALA A 11 ? 0.0347  0.0766 0.0557  -0.0205 -0.0029 -0.0265 0.0003 0.0001 0.0010 0.0003 0.0010 0.0005 15 ALA A CA   
134 C C    . ALA A 11 ? 0.0463  0.0713 0.0277  0.0109  -0.0011 0.0009  0.0004 0.0001 0.0008 0.0003 0.0009 0.0004 15 ALA A C    
135 O O    . ALA A 11 ? 0.0814  0.0564 0.0544  0.0000  0.0298  0.0012  0.0003 0.0001 0.0006 0.0003 0.0006 0.0004 15 ALA A O    
136 C CB   . ALA A 11 ? 0.0736  0.0724 0.0951  -0.0548 -0.0325 -0.0347 0.0006 0.0001 0.0015 0.0004 0.0017 0.0006 15 ALA A CB   
137 H H    . ALA A 11 ? 0.0519  0.0519 0.0519  0.0000  0.0000  0.0000  0.0379 0.0379 0.0379 0.0000 0.0000 0.0000 15 ALA A H    
138 H HA   . ALA A 11 ? 0.0547  0.0547 0.0547  0.0000  0.0000  0.0000  0.0369 0.0369 0.0369 0.0000 0.0000 0.0000 15 ALA A HA   
139 H HB1  . ALA A 11 ? 0.0808  0.0808 0.0808  0.0000  0.0000  0.0000  0.0543 0.0543 0.0543 0.0000 0.0000 0.0000 15 ALA A HB1  
140 H HB2  . ALA A 11 ? 0.0810  0.0810 0.0810  0.0000  0.0000  0.0000  0.0512 0.0512 0.0512 0.0000 0.0000 0.0000 15 ALA A HB2  
141 H HB3  . ALA A 11 ? 0.0811  0.0811 0.0811  0.0000  0.0000  0.0000  0.0524 0.0524 0.0524 0.0000 0.0000 0.0000 15 ALA A HB3  
142 N N    . GLY A 12 ? 0.0455  0.0628 0.0666  0.0034  -0.0152 -0.0155 0.0004 0.0001 0.0006 0.0003 0.0009 0.0004 16 GLY A N    
143 C CA   . GLY A 12 ? 0.0482  0.0561 0.1094  -0.0040 -0.0455 -0.0028 0.0006 0.0001 0.0010 0.0005 0.0013 0.0005 16 GLY A CA   
144 C C    . GLY A 12 ? 0.0389  0.0499 0.0684  0.0084  -0.0019 -0.0177 0.0004 0.0001 0.0006 0.0003 0.0009 0.0005 16 GLY A C    
145 O O    . GLY A 12 ? 0.0952  0.0300 0.0992  -0.0262 -0.0459 0.0218  0.0004 0.0001 0.0006 0.0003 0.0009 0.0004 16 GLY A O    
146 H H    . GLY A 12 ? 0.0595  0.0595 0.0595  0.0000  0.0000  0.0000  0.0428 0.0428 0.0428 0.0000 0.0000 0.0000 16 GLY A H    
147 H HA2  . GLY A 12 ? 0.0721  0.0721 0.0721  0.0000  0.0000  0.0000  0.0463 0.0463 0.0463 0.0000 0.0000 0.0000 16 GLY A HA2  
148 H HA3  . GLY A 12 ? 0.0721  0.0721 0.0721  0.0000  0.0000  0.0000  0.0466 0.0466 0.0466 0.0000 0.0000 0.0000 16 GLY A HA3  
149 N N    . CYS A 13 ? 0.0601  0.0405 0.0351  -0.0078 -0.0082 0.0110  0.0003 0.0001 0.0006 0.0002 0.0006 0.0003 17 CYS A N    
150 C CA   . CYS A 13 ? 0.0255  0.0601 0.0480  -0.0142 -0.0042 -0.0124 0.0003 0.0001 0.0008 0.0003 0.0008 0.0004 17 CYS A CA   
151 C C    . CYS A 13 ? 0.0550  0.0465 0.0422  -0.0132 0.0123  -0.0133 0.0003 0.0001 0.0006 0.0003 0.0009 0.0005 17 CYS A C    
152 O O    . CYS A 13 ? 0.0464  0.1087 0.0569  0.0122  0.0221  -0.0324 0.0003 0.0001 0.0006 0.0003 0.0008 0.0004 17 CYS A O    
153 C CB   . CYS A 13 ? 0.0389  0.0899 0.0215  0.0154  0.0133  -0.0109 0.0003 0.0001 0.0008 0.0003 0.0010 0.0004 17 CYS A CB   
154 S SG   . CYS A 13 ? 0.0420  0.0644 0.0389  0.0005  0.0001  -0.0130 0.0001 0.0000 0.0002 0.0001 0.0002 0.0001 17 CYS A SG   
155 O OXT  . CYS A 13 ? 0.0523  0.0932 0.0509  -0.0240 0.0055  -0.0291 0.0003 0.0001 0.0008 0.0002 0.0008 0.0004 17 CYS A OXT  
156 H H    . CYS A 13 ? 0.0458  0.0458 0.0458  0.0000  0.0000  0.0000  0.0345 0.0345 0.0345 0.0000 0.0000 0.0000 17 CYS A H    
157 H HA   . CYS A 13 ? 0.0433  0.0433 0.0433  0.0000  0.0000  0.0000  0.0326 0.0326 0.0326 0.0000 0.0000 0.0000 17 CYS A HA   
158 H HB2  . CYS A 13 ? 0.0481  0.0481 0.0481  0.0000  0.0000  0.0000  0.0354 0.0354 0.0354 0.0000 0.0000 0.0000 17 CYS A HB2  
159 H HB3  . CYS A 13 ? 0.0481  0.0481 0.0481  0.0000  0.0000  0.0000  0.0340 0.0340 0.0340 0.0000 0.0000 0.0000 17 CYS A HB3  
160 H HXT  . CYS A 13 ? 0.0662  0.0662 0.0662  0.0000  0.0000  0.0000  0.0425 0.0425 0.0425 0.0000 0.0000 0.0000 17 CYS A HXT  
161 O O    . HOH B .  ? 0.3872  0.0511 0.2673  -0.0471 0.0804  -0.0191 0.0012 0.0005 0.0017 0.0013 0.0027 0.0016 18 HOH A O    
162 O O    . HOH B .  ? 0.0657  0.0647 0.0964  -0.0029 -0.0064 0.0047  0.0003 0.0001 0.0006 0.0003 0.0008 0.0004 19 HOH A O    
163 O O    . HOH B .  ? 0.3762  0.1579 0.0467  0.0980  0.0507  0.0293  0.0013 0.0003 0.0013 0.0010 0.0024 0.0011 20 HOH A O    
164 O O    . HOH B .  ? 0.1004  0.0977 0.0974  -0.0424 -0.0175 0.0497  0.0003 0.0001 0.0011 0.0003 0.0011 0.0006 21 HOH A O    
165 O O    . HOH B .  ? 0.0595  0.0896 0.0528  0.0163  0.0111  -0.0164 0.0003 0.0001 0.0006 0.0003 0.0008 0.0004 22 HOH A O    
166 O O    . HOH B .  ? 0.0242  0.1859 0.3156  -0.0038 -0.0074 -0.1042 0.0008 0.0003 0.0015 0.0008 0.0021 0.0011 23 HOH A O    
167 O O    . HOH B .  ? 0.2157  0.0689 0.0335  -0.0026 0.0340  0.0037  0.0005 0.0001 0.0009 0.0004 0.0012 0.0006 24 HOH A O    
168 O O    . HOH B .  ? 0.0779  0.2009 0.1063  0.0176  -0.0007 -0.0244 0.0006 0.0001 0.0013 0.0005 0.0016 0.0008 25 HOH A O    
169 O O    . HOH B .  ? 0.0916  0.0815 0.0281  0.0050  0.0017  0.0076  0.0003 0.0001 0.0006 0.0002 0.0008 0.0004 26 HOH A O    
170 O O    . HOH B .  ? 0.0469  0.2136 0.1614  0.0518  -0.0161 -0.1103 0.0008 0.0001 0.0012 0.0006 0.0018 0.0006 27 HOH A O    
# 
loop_
_pdbx_poly_seq_scheme.asym_id 
_pdbx_poly_seq_scheme.entity_id 
_pdbx_poly_seq_scheme.seq_id 
_pdbx_poly_seq_scheme.mon_id 
_pdbx_poly_seq_scheme.ndb_seq_num 
_pdbx_poly_seq_scheme.pdb_seq_num 
_pdbx_poly_seq_scheme.auth_seq_num 
_pdbx_poly_seq_scheme.pdb_mon_id 
_pdbx_poly_seq_scheme.auth_mon_id 
_pdbx_poly_seq_scheme.pdb_strand_id 
_pdbx_poly_seq_scheme.pdb_ins_code 
_pdbx_poly_seq_scheme.hetero 
A 1 1  MPR 1  5  5  MPR MPR A . n 
A 1 2  CYS 2  6  6  CYS CYS A . n 
A 1 3  GLU 3  7  7  GLU GLU A . n 
A 1 4  LEU 4  8  8  LEU LEU A . n 
A 1 5  CYS 5  9  9  CYS CYS A . n 
A 1 6  CYS 6  10 10 CYS CYS A . n 
A 1 7  ASN 7  11 11 ASN ASN A . n 
A 1 8  PRO 8  12 12 PRO PRO A . n 
A 1 9  LEU 9  13 13 LEU LEU A . n 
A 1 10 CYS 10 14 14 CYS CYS A . n 
A 1 11 ALA 11 15 15 ALA ALA A . n 
A 1 12 GLY 12 16 16 GLY GLY A . n 
A 1 13 CYS 13 17 17 CYS CYS A . n 
# 
loop_
_pdbx_nonpoly_scheme.asym_id 
_pdbx_nonpoly_scheme.entity_id 
_pdbx_nonpoly_scheme.mon_id 
_pdbx_nonpoly_scheme.ndb_seq_num 
_pdbx_nonpoly_scheme.pdb_seq_num 
_pdbx_nonpoly_scheme.auth_seq_num 
_pdbx_nonpoly_scheme.pdb_mon_id 
_pdbx_nonpoly_scheme.auth_mon_id 
_pdbx_nonpoly_scheme.pdb_strand_id 
_pdbx_nonpoly_scheme.pdb_ins_code 
B 2 HOH 1  18 1  HOH HOH A . 
B 2 HOH 2  19 2  HOH HOH A . 
B 2 HOH 3  20 3  HOH HOH A . 
B 2 HOH 4  21 4  HOH HOH A . 
B 2 HOH 5  22 5  HOH HOH A . 
B 2 HOH 6  23 6  HOH HOH A . 
B 2 HOH 7  24 7  HOH HOH A . 
B 2 HOH 8  25 8  HOH HOH A . 
B 2 HOH 9  26 9  HOH HOH A . 
B 2 HOH 10 27 10 HOH HOH A . 
# 
_pdbx_struct_assembly.id                   1 
_pdbx_struct_assembly.details              author_defined_assembly 
_pdbx_struct_assembly.method_details       ? 
_pdbx_struct_assembly.oligomeric_details   monomeric 
_pdbx_struct_assembly.oligomeric_count     1 
# 
_pdbx_struct_assembly_gen.assembly_id       1 
_pdbx_struct_assembly_gen.oper_expression   1 
_pdbx_struct_assembly_gen.asym_id_list      A,B 
# 
_pdbx_struct_oper_list.id                   1 
_pdbx_struct_oper_list.type                 'identity operation' 
_pdbx_struct_oper_list.name                 1_555 
_pdbx_struct_oper_list.symmetry_operation   x,y,z 
_pdbx_struct_oper_list.matrix[1][1]         1.0000000000 
_pdbx_struct_oper_list.matrix[1][2]         0.0000000000 
_pdbx_struct_oper_list.matrix[1][3]         0.0000000000 
_pdbx_struct_oper_list.vector[1]            0.0000000000 
_pdbx_struct_oper_list.matrix[2][1]         0.0000000000 
_pdbx_struct_oper_list.matrix[2][2]         1.0000000000 
_pdbx_struct_oper_list.matrix[2][3]         0.0000000000 
_pdbx_struct_oper_list.vector[2]            0.0000000000 
_pdbx_struct_oper_list.matrix[3][1]         0.0000000000 
_pdbx_struct_oper_list.matrix[3][2]         0.0000000000 
_pdbx_struct_oper_list.matrix[3][3]         1.0000000000 
_pdbx_struct_oper_list.vector[3]            0.0000000000 
# 
loop_
_pdbx_audit_revision_history.ordinal 
_pdbx_audit_revision_history.data_content_type 
_pdbx_audit_revision_history.major_revision 
_pdbx_audit_revision_history.minor_revision 
_pdbx_audit_revision_history.revision_date 
1 'Structure model' 1 0 1996-01-29 
2 'Structure model' 1 1 2008-03-03 
3 'Structure model' 1 2 2011-07-13 
4 'Structure model' 1 3 2013-06-19 
5 'Structure model' 1 4 2017-11-29 
6 'Structure model' 1 5 2021-11-03 
# 
_pdbx_audit_revision_details.ordinal             1 
_pdbx_audit_revision_details.revision_ordinal    1 
_pdbx_audit_revision_details.data_content_type   'Structure model' 
_pdbx_audit_revision_details.provider            repository 
_pdbx_audit_revision_details.type                'Initial release' 
_pdbx_audit_revision_details.description         ? 
_pdbx_audit_revision_details.details             ? 
# 
loop_
_pdbx_audit_revision_group.ordinal 
_pdbx_audit_revision_group.revision_ordinal 
_pdbx_audit_revision_group.data_content_type 
_pdbx_audit_revision_group.group 
1 2 'Structure model' 'Version format compliance' 
2 3 'Structure model' 'Version format compliance' 
3 4 'Structure model' Other                       
4 5 'Structure model' 'Derived calculations'      
5 5 'Structure model' Other                       
6 6 'Structure model' 'Database references'       
7 6 'Structure model' 'Derived calculations'      
# 
loop_
_pdbx_audit_revision_category.ordinal 
_pdbx_audit_revision_category.revision_ordinal 
_pdbx_audit_revision_category.data_content_type 
_pdbx_audit_revision_category.category 
1 5 'Structure model' pdbx_database_status 
2 5 'Structure model' struct_conf          
3 5 'Structure model' struct_conf_type     
4 6 'Structure model' database_2           
5 6 'Structure model' struct_conn          
6 6 'Structure model' struct_ref_seq_dif   
# 
loop_
_pdbx_audit_revision_item.ordinal 
_pdbx_audit_revision_item.revision_ordinal 
_pdbx_audit_revision_item.data_content_type 
_pdbx_audit_revision_item.item 
1 5 'Structure model' '_pdbx_database_status.process_site'  
2 6 'Structure model' '_database_2.pdbx_DOI'                
3 6 'Structure model' '_database_2.pdbx_database_accession' 
4 6 'Structure model' '_struct_conn.pdbx_leaving_atom_flag' 
5 6 'Structure model' '_struct_ref_seq_dif.details'         
# 
_software.name             FMLS/VP 
_software.classification   refinement 
_software.version          . 
_software.citation_id      ? 
_software.pdbx_ordinal     1 
# 
_pdbx_entry_details.entry_id                 1ETM 
_pdbx_entry_details.compound_details         'IN SITE RECORDS BELOW, LEU 13 IS ALA 13 IN NATURAL TOXIN.' 
_pdbx_entry_details.source_details           ? 
_pdbx_entry_details.nonpolymer_details       ? 
_pdbx_entry_details.sequence_details         
;THE SEQUENCE IS BASED ON SEQUENCE FROM ENTEROTOXIGENIC
(ESCHERICHIA COLI STRAIN 18D).  THE THIRTEEN RESIDUE
PEPTIDE CORRESPONDS TO RESIDUES FROM 5 TO 17, ALA 13
REPLACED BY LEU.
;
_pdbx_entry_details.has_ligand_of_interest   ? 
# 
_pdbx_validate_close_contact.id               1 
_pdbx_validate_close_contact.PDB_model_num    1 
_pdbx_validate_close_contact.auth_atom_id_1   HXT 
_pdbx_validate_close_contact.auth_asym_id_1   A 
_pdbx_validate_close_contact.auth_comp_id_1   CYS 
_pdbx_validate_close_contact.auth_seq_id_1    17 
_pdbx_validate_close_contact.PDB_ins_code_1   ? 
_pdbx_validate_close_contact.label_alt_id_1   ? 
_pdbx_validate_close_contact.auth_atom_id_2   O 
_pdbx_validate_close_contact.auth_asym_id_2   A 
_pdbx_validate_close_contact.auth_comp_id_2   HOH 
_pdbx_validate_close_contact.auth_seq_id_2    26 
_pdbx_validate_close_contact.PDB_ins_code_2   ? 
_pdbx_validate_close_contact.label_alt_id_2   ? 
_pdbx_validate_close_contact.dist             1.56 
# 
_pdbx_entity_nonpoly.entity_id   2 
_pdbx_entity_nonpoly.name        water 
_pdbx_entity_nonpoly.comp_id     HOH 
# 
